data_9NYD
#
_entry.id   9NYD
#
_cell.length_a   1.00
_cell.length_b   1.00
_cell.length_c   1.00
_cell.angle_alpha   90.00
_cell.angle_beta   90.00
_cell.angle_gamma   90.00
#
_symmetry.space_group_name_H-M   'P 1'
#
loop_
_entity.id
_entity.type
_entity.pdbx_description
1 polymer 'Uncharacterized glycosyltransferase sll0501'
2 non-polymer "URIDINE-5'-DIPHOSPHATE-GLUCOSE"
3 non-polymer '[(2~{E},6~{E},10~{E},14~{E},18~{Z},22~{E},26~{Z},30~{E},34~{E},38~{E})-3,7,11,15,19,23,27,31,35,39,43-undecamethyltetratetraconta-2,6,10,14,18,22,26,30,34,38,42-undecaenyl] dihydrogen phosphate'
4 non-polymer 'MAGNESIUM ION'
5 non-polymer "URIDINE-5'-DIPHOSPHATE"
6 non-polymer 'undecaprenyl phosphate-glucose'
#
_entity_poly.entity_id   1
_entity_poly.type   'polypeptide(L)'
_entity_poly.pdbx_seq_one_letter_code
;MHHHHHHSSGVDLGTENLYFQSNATIELSIVIPMYNEEDNLEHLFARLLEVLTPLKITYEIICVNDGSKDKTLKQLIDCY
QSNRQIKIVNLSRNFGKEIALSAGIDYAQGNAVIPIDADLQDPPELIHELVDKWREGYDIVYATRRSRQGETWVKQFTAK
MFYKVIGRMTEIKIPPNTGDFRLMDRKVVNAIKQLPERTRFMKGLFAWVGYRQTFVLFDREPRFQGQTKWNYWKLWNFAL
DGIFSFSLLPLKVWTYLGSIISLLSLAYASFLILKTITLGVDVPGYASLMVAILFLGGVQLISLGVIGEYLGRVYEEVKA
RPLYLVSDLWGLEYLPLEKLN
;
_entity_poly.pdbx_strand_id   A,B,C,D
#
# COMPACT_ATOMS: atom_id res chain seq x y z
N THR A 25 12.48 36.52 11.23
CA THR A 25 11.58 35.52 10.69
C THR A 25 10.77 36.09 9.53
N ILE A 26 10.03 35.22 8.84
CA ILE A 26 9.19 35.62 7.72
C ILE A 26 7.75 35.56 8.17
N GLU A 27 7.08 36.71 8.18
CA GLU A 27 5.70 36.78 8.65
C GLU A 27 4.72 36.24 7.61
N LEU A 28 4.95 36.52 6.33
CA LEU A 28 4.02 36.14 5.28
C LEU A 28 4.78 35.59 4.09
N SER A 29 4.20 34.57 3.47
CA SER A 29 4.70 34.01 2.21
C SER A 29 3.62 34.16 1.17
N ILE A 30 4.01 34.56 -0.04
CA ILE A 30 3.10 34.70 -1.17
C ILE A 30 3.53 33.71 -2.23
N VAL A 31 2.79 32.62 -2.38
CA VAL A 31 3.15 31.54 -3.28
C VAL A 31 2.42 31.74 -4.60
N ILE A 32 3.17 31.94 -5.68
CA ILE A 32 2.59 32.19 -6.99
C ILE A 32 3.00 31.09 -7.97
N PRO A 33 2.09 30.17 -8.31
CA PRO A 33 2.37 29.24 -9.40
C PRO A 33 2.43 29.98 -10.72
N MET A 34 3.26 29.49 -11.63
CA MET A 34 3.58 30.25 -12.83
C MET A 34 3.73 29.31 -14.01
N TYR A 35 3.11 29.68 -15.13
CA TYR A 35 3.24 28.91 -16.36
C TYR A 35 2.97 29.86 -17.53
N ASN A 36 4.02 30.21 -18.26
CA ASN A 36 3.93 31.13 -19.40
C ASN A 36 3.31 32.46 -19.00
N GLU A 37 3.68 32.94 -17.81
CA GLU A 37 3.17 34.20 -17.30
C GLU A 37 4.05 35.39 -17.68
N GLU A 38 4.79 35.29 -18.78
CA GLU A 38 5.55 36.43 -19.29
C GLU A 38 4.60 37.54 -19.70
N ASP A 39 5.02 38.78 -19.45
CA ASP A 39 4.29 40.04 -19.62
C ASP A 39 3.26 40.26 -18.53
N ASN A 40 3.01 39.27 -17.66
CA ASN A 40 2.22 39.46 -16.46
C ASN A 40 3.08 39.72 -15.22
N LEU A 41 4.40 39.58 -15.36
CA LEU A 41 5.27 39.61 -14.19
C LEU A 41 5.36 41.02 -13.60
N GLU A 42 5.51 42.03 -14.46
CA GLU A 42 5.74 43.38 -13.97
C GLU A 42 4.52 43.89 -13.21
N HIS A 43 3.33 43.78 -13.80
CA HIS A 43 2.13 44.27 -13.14
C HIS A 43 1.82 43.50 -11.87
N LEU A 44 2.00 42.17 -11.91
CA LEU A 44 1.77 41.36 -10.71
C LEU A 44 2.69 41.79 -9.58
N PHE A 45 3.98 41.94 -9.87
CA PHE A 45 4.92 42.33 -8.83
C PHE A 45 4.66 43.76 -8.35
N ALA A 46 4.28 44.66 -9.26
CA ALA A 46 3.96 46.03 -8.86
C ALA A 46 2.79 46.04 -7.89
N ARG A 47 1.73 45.30 -8.20
CA ARG A 47 0.59 45.24 -7.30
C ARG A 47 0.96 44.58 -5.97
N LEU A 48 1.79 43.54 -6.01
CA LEU A 48 2.18 42.84 -4.79
C LEU A 48 3.00 43.74 -3.87
N LEU A 49 3.95 44.48 -4.42
CA LEU A 49 4.68 45.45 -3.59
C LEU A 49 3.80 46.62 -3.18
N GLU A 50 2.78 46.94 -3.97
CA GLU A 50 1.83 47.98 -3.58
C GLU A 50 1.05 47.59 -2.34
N VAL A 51 0.61 46.33 -2.28
CA VAL A 51 -0.25 45.91 -1.16
C VAL A 51 0.57 45.44 0.04
N LEU A 52 1.68 44.74 -0.19
CA LEU A 52 2.40 44.09 0.90
C LEU A 52 3.23 45.07 1.73
N THR A 53 3.72 46.15 1.11
CA THR A 53 4.55 47.10 1.84
C THR A 53 3.82 47.78 2.99
N PRO A 54 2.60 48.29 2.83
CA PRO A 54 1.92 48.93 3.98
C PRO A 54 1.64 47.98 5.13
N LEU A 55 1.61 46.68 4.88
CA LEU A 55 1.43 45.71 5.98
C LEU A 55 2.62 45.80 6.93
N LYS A 56 3.74 46.37 6.48
CA LYS A 56 4.93 46.55 7.34
C LYS A 56 5.22 45.25 8.11
N ILE A 57 5.23 44.15 7.56
CA ILE A 57 5.67 42.84 8.03
C ILE A 57 6.69 42.29 7.05
N THR A 58 7.51 41.37 7.56
CA THR A 58 8.53 40.72 6.74
C THR A 58 7.87 39.63 5.90
N TYR A 59 8.02 39.73 4.58
CA TYR A 59 7.33 38.85 3.65
C TYR A 59 8.31 38.32 2.62
N GLU A 60 7.96 37.16 2.06
CA GLU A 60 8.69 36.56 0.95
C GLU A 60 7.70 36.22 -0.15
N ILE A 61 8.19 36.23 -1.39
CA ILE A 61 7.38 35.95 -2.57
C ILE A 61 8.01 34.75 -3.28
N ILE A 62 7.37 33.60 -3.13
CA ILE A 62 7.88 32.34 -3.68
C ILE A 62 7.20 32.11 -5.02
N CYS A 63 7.95 32.29 -6.11
CA CYS A 63 7.46 32.13 -7.46
C CYS A 63 7.82 30.73 -7.95
N VAL A 64 6.81 29.89 -8.15
CA VAL A 64 7.02 28.50 -8.55
C VAL A 64 6.87 28.44 -10.06
N ASN A 65 7.99 28.39 -10.78
CA ASN A 65 7.98 28.27 -12.22
C ASN A 65 7.66 26.82 -12.58
N ASP A 66 6.44 26.58 -13.08
CA ASP A 66 5.98 25.23 -13.37
C ASP A 66 6.32 24.84 -14.81
N GLY A 67 7.63 24.80 -15.08
CA GLY A 67 8.11 24.38 -16.38
C GLY A 67 7.59 25.22 -17.53
N SER A 68 7.61 26.54 -17.36
CA SER A 68 7.14 27.43 -18.41
C SER A 68 8.03 27.33 -19.64
N LYS A 69 7.41 27.32 -20.82
CA LYS A 69 8.14 27.30 -22.08
C LYS A 69 8.43 28.69 -22.62
N ASP A 70 7.92 29.74 -21.98
CA ASP A 70 8.14 31.11 -22.40
C ASP A 70 9.37 31.67 -21.66
N LYS A 71 9.62 32.96 -21.84
CA LYS A 71 10.72 33.64 -21.13
C LYS A 71 10.28 34.10 -19.75
N THR A 72 9.70 33.19 -18.98
CA THR A 72 9.27 33.52 -17.62
C THR A 72 10.41 33.38 -16.63
N LEU A 73 11.21 32.32 -16.76
CA LEU A 73 12.29 32.07 -15.81
C LEU A 73 13.35 33.16 -15.87
N LYS A 74 13.64 33.68 -17.06
CA LYS A 74 14.66 34.71 -17.19
C LYS A 74 14.24 36.00 -16.48
N GLN A 75 13.00 36.43 -16.69
CA GLN A 75 12.50 37.62 -16.00
C GLN A 75 12.39 37.37 -14.50
N LEU A 76 12.07 36.14 -14.11
CA LEU A 76 12.10 35.78 -12.70
C LEU A 76 13.49 35.94 -12.11
N ILE A 77 14.52 35.51 -12.86
CA ILE A 77 15.90 35.67 -12.39
C ILE A 77 16.24 37.13 -12.25
N ASP A 78 15.83 37.95 -13.21
CA ASP A 78 16.11 39.38 -13.14
C ASP A 78 15.46 40.00 -11.90
N CYS A 79 14.18 39.69 -11.66
CA CYS A 79 13.49 40.23 -10.49
C CYS A 79 14.13 39.73 -9.19
N TYR A 80 14.52 38.45 -9.15
CA TYR A 80 15.15 37.90 -7.97
C TYR A 80 16.48 38.58 -7.68
N GLN A 81 17.26 38.86 -8.73
CA GLN A 81 18.54 39.52 -8.54
C GLN A 81 18.36 40.97 -8.11
N SER A 82 17.33 41.64 -8.59
CA SER A 82 17.13 43.05 -8.22
C SER A 82 16.31 43.22 -6.96
N ASN A 83 15.44 42.27 -6.61
CA ASN A 83 14.59 42.36 -5.44
C ASN A 83 14.84 41.16 -4.54
N ARG A 84 15.13 41.42 -3.26
CA ARG A 84 15.53 40.37 -2.34
C ARG A 84 14.36 39.55 -1.80
N GLN A 85 13.13 39.98 -2.03
CA GLN A 85 11.97 39.26 -1.51
C GLN A 85 11.41 38.23 -2.47
N ILE A 86 12.00 38.08 -3.65
CA ILE A 86 11.56 37.08 -4.63
C ILE A 86 12.48 35.88 -4.54
N LYS A 87 11.90 34.70 -4.35
CA LYS A 87 12.60 33.44 -4.41
C LYS A 87 11.96 32.61 -5.51
N ILE A 88 12.76 31.83 -6.22
CA ILE A 88 12.30 31.08 -7.38
C ILE A 88 12.42 29.59 -7.09
N VAL A 89 11.33 28.86 -7.30
CA VAL A 89 11.33 27.41 -7.26
C VAL A 89 11.12 26.94 -8.69
N ASN A 90 12.17 26.48 -9.34
CA ASN A 90 12.09 26.01 -10.71
C ASN A 90 11.77 24.53 -10.69
N LEU A 91 10.61 24.16 -11.24
CA LEU A 91 10.21 22.77 -11.35
C LEU A 91 10.77 22.18 -12.64
N SER A 92 11.18 20.91 -12.55
CA SER A 92 11.82 20.27 -13.71
C SER A 92 10.85 20.17 -14.88
N ARG A 93 9.62 19.78 -14.62
CA ARG A 93 8.59 19.56 -15.63
C ARG A 93 7.44 20.54 -15.40
N ASN A 94 6.35 20.35 -16.13
CA ASN A 94 5.11 21.08 -15.89
C ASN A 94 4.17 20.16 -15.13
N PHE A 95 4.18 20.28 -13.81
CA PHE A 95 3.42 19.40 -12.93
C PHE A 95 1.98 19.86 -12.69
N GLY A 96 1.62 21.05 -13.16
CA GLY A 96 0.29 21.56 -12.94
C GLY A 96 0.25 22.59 -11.83
N LYS A 97 -0.86 23.34 -11.79
CA LYS A 97 -0.98 24.42 -10.81
C LYS A 97 -1.02 23.88 -9.38
N GLU A 98 -1.74 22.77 -9.16
CA GLU A 98 -1.87 22.24 -7.81
C GLU A 98 -0.53 21.77 -7.27
N ILE A 99 0.24 21.07 -8.10
CA ILE A 99 1.55 20.57 -7.66
C ILE A 99 2.53 21.73 -7.50
N ALA A 100 2.44 22.75 -8.36
CA ALA A 100 3.26 23.93 -8.17
C ALA A 100 2.95 24.62 -6.86
N LEU A 101 1.67 24.72 -6.51
CA LEU A 101 1.27 25.27 -5.22
C LEU A 101 1.80 24.42 -4.07
N SER A 102 1.75 23.10 -4.23
CA SER A 102 2.29 22.22 -3.20
C SER A 102 3.79 22.45 -3.00
N ALA A 103 4.53 22.60 -4.09
CA ALA A 103 5.95 22.88 -4.00
C ALA A 103 6.22 24.22 -3.32
N GLY A 104 5.46 25.25 -3.70
CA GLY A 104 5.64 26.55 -3.08
C GLY A 104 5.34 26.55 -1.60
N ILE A 105 4.25 25.88 -1.21
CA ILE A 105 3.92 25.76 0.21
C ILE A 105 4.98 24.96 0.96
N ASP A 106 5.54 23.94 0.30
CA ASP A 106 6.61 23.16 0.92
C ASP A 106 7.85 24.02 1.12
N TYR A 107 8.11 24.96 0.22
CA TYR A 107 9.28 25.82 0.35
C TYR A 107 9.00 27.14 1.05
N ALA A 108 7.77 27.38 1.49
CA ALA A 108 7.41 28.62 2.16
C ALA A 108 7.69 28.51 3.65
N GLN A 109 8.40 29.48 4.20
CA GLN A 109 8.79 29.48 5.62
C GLN A 109 8.07 30.56 6.42
N GLY A 110 7.00 31.14 5.88
CA GLY A 110 6.26 32.14 6.61
C GLY A 110 5.27 31.55 7.59
N ASN A 111 4.95 32.33 8.62
CA ASN A 111 3.94 31.90 9.59
C ASN A 111 2.57 31.77 8.92
N ALA A 112 2.31 32.57 7.90
CA ALA A 112 1.10 32.46 7.09
C ALA A 112 1.52 32.37 5.62
N VAL A 113 0.81 31.51 4.87
CA VAL A 113 1.10 31.28 3.46
C VAL A 113 -0.15 31.62 2.65
N ILE A 114 0.03 32.45 1.62
CA ILE A 114 -1.06 32.89 0.76
C ILE A 114 -0.78 32.46 -0.67
N PRO A 115 -1.46 31.44 -1.18
CA PRO A 115 -1.39 31.18 -2.63
C PRO A 115 -2.11 32.29 -3.38
N ILE A 116 -1.57 32.62 -4.56
CA ILE A 116 -2.16 33.64 -5.40
C ILE A 116 -1.76 33.37 -6.84
N ASP A 117 -2.61 33.79 -7.78
CA ASP A 117 -2.39 33.53 -9.19
C ASP A 117 -1.66 34.70 -9.83
N ALA A 118 -0.76 34.38 -10.77
CA ALA A 118 0.10 35.38 -11.38
C ALA A 118 -0.62 36.25 -12.40
N ASP A 119 -1.84 35.88 -12.81
CA ASP A 119 -2.58 36.65 -13.79
C ASP A 119 -3.44 37.73 -13.14
N LEU A 120 -3.33 37.92 -11.84
CA LEU A 120 -4.10 38.91 -11.10
C LEU A 120 -5.60 38.69 -11.23
N GLN A 121 -6.01 37.44 -11.38
CA GLN A 121 -7.43 37.11 -11.33
C GLN A 121 -8.02 37.48 -9.98
N ASP A 122 -7.28 37.18 -8.91
CA ASP A 122 -7.67 37.55 -7.56
C ASP A 122 -6.94 38.82 -7.16
N PRO A 123 -7.64 39.89 -6.82
CA PRO A 123 -6.96 41.15 -6.46
C PRO A 123 -6.07 40.95 -5.26
N PRO A 124 -4.77 41.23 -5.39
CA PRO A 124 -3.86 41.06 -4.24
C PRO A 124 -4.17 41.98 -3.07
N GLU A 125 -4.91 43.07 -3.31
CA GLU A 125 -5.27 43.96 -2.21
C GLU A 125 -6.06 43.22 -1.14
N LEU A 126 -6.89 42.26 -1.56
CA LEU A 126 -7.66 41.47 -0.60
C LEU A 126 -6.75 40.70 0.34
N ILE A 127 -5.51 40.42 -0.08
CA ILE A 127 -4.51 39.84 0.82
C ILE A 127 -4.53 40.58 2.17
N HIS A 128 -4.58 41.91 2.12
CA HIS A 128 -4.60 42.71 3.33
C HIS A 128 -5.70 42.25 4.27
N GLU A 129 -6.93 42.17 3.76
CA GLU A 129 -8.05 41.72 4.59
C GLU A 129 -7.78 40.33 5.14
N LEU A 130 -7.27 39.43 4.30
CA LEU A 130 -6.91 38.09 4.76
C LEU A 130 -6.02 38.18 5.99
N VAL A 131 -4.97 38.99 5.92
CA VAL A 131 -4.04 39.09 7.05
C VAL A 131 -4.78 39.55 8.29
N ASP A 132 -5.70 40.50 8.12
CA ASP A 132 -6.49 40.97 9.26
C ASP A 132 -7.23 39.81 9.91
N LYS A 133 -7.90 38.99 9.10
CA LYS A 133 -8.59 37.83 9.64
C LYS A 133 -7.61 36.89 10.32
N TRP A 134 -6.41 36.77 9.75
CA TRP A 134 -5.39 35.92 10.35
C TRP A 134 -5.02 36.40 11.73
N ARG A 135 -5.05 37.71 11.97
CA ARG A 135 -4.74 38.24 13.29
C ARG A 135 -5.91 38.15 14.25
N GLU A 136 -7.10 37.77 13.76
CA GLU A 136 -8.24 37.59 14.65
C GLU A 136 -8.26 36.21 15.31
N GLY A 137 -7.36 35.31 14.90
CA GLY A 137 -7.28 34.00 15.51
C GLY A 137 -7.67 32.85 14.60
N TYR A 138 -7.91 33.15 13.33
CA TYR A 138 -8.29 32.13 12.37
C TYR A 138 -7.07 31.50 11.73
N ASP A 139 -7.10 30.17 11.61
CA ASP A 139 -5.97 29.42 11.07
C ASP A 139 -6.09 29.20 9.56
N ILE A 140 -7.30 29.18 9.02
CA ILE A 140 -7.54 29.21 7.58
C ILE A 140 -8.52 30.32 7.27
N VAL A 141 -8.18 31.17 6.32
CA VAL A 141 -9.07 32.21 5.83
C VAL A 141 -9.22 32.01 4.33
N TYR A 142 -10.45 31.76 3.89
CA TYR A 142 -10.74 31.56 2.49
C TYR A 142 -11.12 32.89 1.83
N ALA A 143 -10.92 32.95 0.52
CA ALA A 143 -11.33 34.08 -0.29
C ALA A 143 -12.50 33.62 -1.16
N THR A 144 -13.72 33.95 -0.74
CA THR A 144 -14.93 33.47 -1.38
C THR A 144 -15.49 34.57 -2.28
N ARG A 145 -15.84 34.18 -3.51
CA ARG A 145 -16.44 35.11 -4.45
C ARG A 145 -17.95 35.23 -4.18
N ARG A 146 -18.42 36.47 -4.10
CA ARG A 146 -19.81 36.70 -3.70
C ARG A 146 -20.79 36.07 -4.69
N SER A 147 -20.54 36.23 -5.99
CA SER A 147 -21.42 35.68 -7.00
C SER A 147 -20.58 35.23 -8.18
N ARG A 148 -21.15 34.35 -8.99
CA ARG A 148 -20.44 33.83 -10.15
C ARG A 148 -20.44 34.83 -11.30
N GLN A 149 -21.64 35.20 -11.78
CA GLN A 149 -21.85 36.26 -12.77
C GLN A 149 -21.08 36.03 -14.07
N GLY A 150 -20.60 34.81 -14.32
CA GLY A 150 -19.95 34.49 -15.56
C GLY A 150 -20.40 33.16 -16.10
N GLU A 151 -21.32 32.52 -15.37
CA GLU A 151 -21.83 31.20 -15.70
C GLU A 151 -23.35 31.26 -15.69
N THR A 152 -23.96 31.12 -16.87
CA THR A 152 -25.38 31.41 -17.00
C THR A 152 -26.25 30.48 -16.16
N TRP A 153 -26.33 29.20 -16.53
CA TRP A 153 -27.11 28.32 -15.65
C TRP A 153 -26.43 27.01 -15.31
N VAL A 154 -25.76 26.38 -16.29
CA VAL A 154 -25.35 24.98 -16.11
C VAL A 154 -24.19 24.88 -15.12
N LYS A 155 -23.23 25.80 -15.21
CA LYS A 155 -22.05 25.68 -14.37
C LYS A 155 -22.37 25.97 -12.91
N GLN A 156 -23.19 26.99 -12.65
CA GLN A 156 -23.50 27.32 -11.26
C GLN A 156 -24.30 26.20 -10.59
N PHE A 157 -25.26 25.61 -11.31
CA PHE A 157 -26.04 24.52 -10.72
C PHE A 157 -25.20 23.27 -10.53
N THR A 158 -24.36 22.94 -11.51
CA THR A 158 -23.50 21.77 -11.37
C THR A 158 -22.50 21.96 -10.22
N ALA A 159 -21.97 23.17 -10.07
CA ALA A 159 -21.05 23.45 -8.97
C ALA A 159 -21.78 23.38 -7.63
N LYS A 160 -23.02 23.87 -7.56
CA LYS A 160 -23.79 23.75 -6.33
C LYS A 160 -24.00 22.29 -5.97
N MET A 161 -24.37 21.47 -6.96
CA MET A 161 -24.58 20.04 -6.70
C MET A 161 -23.29 19.37 -6.24
N PHE A 162 -22.18 19.67 -6.93
CA PHE A 162 -20.90 19.06 -6.57
C PHE A 162 -20.47 19.48 -5.16
N TYR A 163 -20.64 20.76 -4.83
CA TYR A 163 -20.27 21.23 -3.51
C TYR A 163 -21.14 20.60 -2.43
N LYS A 164 -22.43 20.44 -2.70
CA LYS A 164 -23.30 19.76 -1.75
C LYS A 164 -22.85 18.32 -1.53
N VAL A 165 -22.52 17.62 -2.61
CA VAL A 165 -22.10 16.22 -2.49
C VAL A 165 -20.80 16.10 -1.70
N ILE A 166 -19.81 16.93 -2.04
CA ILE A 166 -18.52 16.84 -1.35
C ILE A 166 -18.64 17.29 0.10
N GLY A 167 -19.52 18.26 0.38
CA GLY A 167 -19.77 18.63 1.76
C GLY A 167 -20.46 17.53 2.54
N ARG A 168 -21.29 16.74 1.85
CA ARG A 168 -21.88 15.56 2.52
C ARG A 168 -20.72 14.61 2.85
N MET A 169 -19.75 14.49 1.94
CA MET A 169 -18.57 13.67 2.27
C MET A 169 -17.83 14.25 3.48
N THR A 170 -17.53 15.54 3.45
CA THR A 170 -16.63 16.12 4.44
C THR A 170 -17.39 16.48 5.72
N GLU A 171 -16.64 16.96 6.73
CA GLU A 171 -17.18 17.30 8.04
C GLU A 171 -17.33 18.81 8.25
N ILE A 172 -16.27 19.58 7.95
CA ILE A 172 -16.28 21.01 8.25
C ILE A 172 -17.12 21.82 7.28
N LYS A 173 -17.56 21.22 6.17
CA LYS A 173 -18.42 21.89 5.20
C LYS A 173 -17.73 23.14 4.64
N ILE A 174 -16.68 22.89 3.88
CA ILE A 174 -15.87 23.94 3.27
C ILE A 174 -16.77 24.89 2.49
N PRO A 175 -16.63 26.19 2.67
CA PRO A 175 -17.56 27.12 2.03
C PRO A 175 -17.43 27.07 0.53
N PRO A 176 -18.45 27.47 -0.26
CA PRO A 176 -18.34 27.33 -1.69
C PRO A 176 -17.77 28.57 -2.32
N ASN A 177 -18.02 28.73 -3.61
CA ASN A 177 -17.51 29.86 -4.39
C ASN A 177 -16.09 30.23 -3.97
N THR A 178 -15.29 29.24 -3.59
CA THR A 178 -13.94 29.47 -3.10
C THR A 178 -12.93 28.79 -4.01
N GLY A 179 -11.70 29.30 -3.97
CA GLY A 179 -10.64 28.79 -4.80
C GLY A 179 -9.34 28.62 -4.06
N ASP A 180 -8.21 28.65 -4.78
CA ASP A 180 -6.91 28.47 -4.15
C ASP A 180 -6.41 29.71 -3.45
N PHE A 181 -6.97 30.87 -3.74
CA PHE A 181 -6.61 32.09 -3.02
C PHE A 181 -7.12 32.00 -1.59
N ARG A 182 -6.20 31.96 -0.63
CA ARG A 182 -6.56 31.81 0.77
C ARG A 182 -5.32 32.14 1.61
N LEU A 183 -5.45 31.92 2.90
CA LEU A 183 -4.36 32.07 3.87
C LEU A 183 -4.42 30.91 4.83
N MET A 184 -3.28 30.28 5.10
CA MET A 184 -3.18 29.24 6.11
C MET A 184 -2.14 29.63 7.14
N ASP A 185 -2.45 29.37 8.41
CA ASP A 185 -1.46 29.52 9.46
C ASP A 185 -0.39 28.45 9.32
N ARG A 186 0.74 28.68 10.00
CA ARG A 186 1.82 27.70 9.96
C ARG A 186 1.36 26.34 10.47
N LYS A 187 0.44 26.32 11.44
CA LYS A 187 -0.11 25.06 11.92
C LYS A 187 -0.84 24.32 10.80
N VAL A 188 -1.65 25.05 10.01
CA VAL A 188 -2.39 24.42 8.94
C VAL A 188 -1.45 23.94 7.83
N VAL A 189 -0.43 24.74 7.52
CA VAL A 189 0.53 24.32 6.50
C VAL A 189 1.28 23.06 6.94
N ASN A 190 1.68 23.01 8.21
CA ASN A 190 2.35 21.82 8.72
C ASN A 190 1.42 20.62 8.73
N ALA A 191 0.14 20.82 9.09
CA ALA A 191 -0.82 19.73 9.09
C ALA A 191 -1.04 19.18 7.67
N ILE A 192 -1.13 20.08 6.69
CA ILE A 192 -1.26 19.64 5.30
C ILE A 192 -0.01 18.90 4.85
N LYS A 193 1.16 19.38 5.27
CA LYS A 193 2.40 18.67 4.99
C LYS A 193 2.51 17.34 5.71
N GLN A 194 1.62 17.07 6.67
CA GLN A 194 1.62 15.82 7.41
C GLN A 194 0.87 14.70 6.70
N LEU A 195 0.26 14.98 5.55
CA LEU A 195 -0.45 13.94 4.80
C LEU A 195 0.40 13.51 3.62
N PRO A 196 1.04 12.34 3.67
CA PRO A 196 1.91 11.88 2.58
C PRO A 196 1.15 11.13 1.49
N GLU A 197 0.04 11.69 1.03
CA GLU A 197 -0.80 11.06 0.02
C GLU A 197 -0.55 11.73 -1.33
N ARG A 198 -0.55 10.92 -2.39
CA ARG A 198 -0.28 11.42 -3.73
C ARG A 198 -1.54 11.74 -4.51
N THR A 199 -2.62 11.01 -4.27
CA THR A 199 -3.92 11.32 -4.86
C THR A 199 -4.65 12.25 -3.91
N ARG A 200 -4.59 13.55 -4.19
CA ARG A 200 -5.07 14.57 -3.26
C ARG A 200 -6.26 15.32 -3.84
N PHE A 201 -7.26 15.55 -2.99
CA PHE A 201 -8.37 16.48 -3.26
C PHE A 201 -8.21 17.59 -2.23
N MET A 202 -7.44 18.62 -2.59
CA MET A 202 -7.03 19.63 -1.61
C MET A 202 -8.22 20.37 -1.03
N LYS A 203 -9.30 20.52 -1.81
CA LYS A 203 -10.50 21.17 -1.28
C LYS A 203 -11.05 20.40 -0.08
N GLY A 204 -11.11 19.08 -0.20
CA GLY A 204 -11.55 18.27 0.92
C GLY A 204 -10.48 18.09 1.98
N LEU A 205 -9.21 18.11 1.58
CA LEU A 205 -8.13 17.98 2.54
C LEU A 205 -8.08 19.15 3.51
N PHE A 206 -8.33 20.36 3.01
CA PHE A 206 -8.35 21.53 3.88
C PHE A 206 -9.52 21.51 4.86
N ALA A 207 -10.55 20.74 4.57
CA ALA A 207 -11.64 20.54 5.52
C ALA A 207 -11.38 19.39 6.47
N TRP A 208 -10.66 18.36 6.03
CA TRP A 208 -10.35 17.23 6.91
C TRP A 208 -9.46 17.67 8.07
N VAL A 209 -8.55 18.61 7.78
CA VAL A 209 -7.64 19.18 8.83
C VAL A 209 -8.37 20.39 9.43
N GLY A 210 -9.51 20.19 10.08
CA GLY A 210 -10.29 21.36 10.52
C GLY A 210 -9.53 22.21 11.51
N TYR A 211 -9.58 23.52 11.37
CA TYR A 211 -8.86 24.48 12.26
C TYR A 211 -9.75 25.71 12.31
N ARG A 212 -9.46 26.70 13.16
CA ARG A 212 -10.36 27.88 13.14
C ARG A 212 -10.40 28.38 11.71
N GLN A 213 -11.54 28.22 11.04
CA GLN A 213 -11.63 28.61 9.65
C GLN A 213 -12.68 29.70 9.47
N THR A 214 -12.44 30.57 8.49
CA THR A 214 -13.37 31.62 8.14
C THR A 214 -13.23 31.91 6.65
N PHE A 215 -14.03 32.85 6.15
CA PHE A 215 -13.97 33.24 4.76
C PHE A 215 -14.34 34.71 4.63
N VAL A 216 -13.63 35.42 3.76
CA VAL A 216 -13.92 36.81 3.45
C VAL A 216 -14.40 36.89 2.01
N LEU A 217 -15.36 37.77 1.77
CA LEU A 217 -15.99 37.88 0.47
C LEU A 217 -15.27 38.90 -0.41
N PHE A 218 -15.14 38.59 -1.70
CA PHE A 218 -14.54 39.50 -2.65
C PHE A 218 -15.21 39.34 -3.99
N ASP A 219 -15.15 40.40 -4.79
CA ASP A 219 -15.77 40.45 -6.12
C ASP A 219 -14.69 40.54 -7.18
N ARG A 220 -14.73 39.62 -8.14
CA ARG A 220 -13.80 39.67 -9.26
C ARG A 220 -14.06 40.91 -10.11
N GLU A 221 -12.99 41.53 -10.58
CA GLU A 221 -13.10 42.75 -11.36
C GLU A 221 -13.82 42.48 -12.68
N PRO A 222 -14.56 43.47 -13.21
CA PRO A 222 -15.26 43.27 -14.48
C PRO A 222 -14.33 43.02 -15.66
N ARG A 223 -13.05 43.38 -15.55
CA ARG A 223 -12.10 43.10 -16.62
C ARG A 223 -11.82 41.61 -16.76
N PHE A 224 -11.97 40.84 -15.68
CA PHE A 224 -11.65 39.42 -15.66
C PHE A 224 -12.85 38.56 -15.28
N GLN A 225 -14.02 38.87 -15.85
CA GLN A 225 -15.22 38.08 -15.63
C GLN A 225 -15.69 37.38 -16.90
N GLY A 226 -14.79 37.18 -17.86
CA GLY A 226 -15.13 36.59 -19.15
C GLY A 226 -15.66 35.17 -19.05
N GLN A 227 -15.94 34.54 -20.20
CA GLN A 227 -16.57 33.20 -20.19
C GLN A 227 -15.65 32.10 -19.62
N THR A 228 -14.33 32.30 -19.64
CA THR A 228 -13.38 31.26 -19.17
C THR A 228 -13.84 29.88 -19.59
N LYS A 229 -13.77 29.57 -20.89
CA LYS A 229 -14.20 28.25 -21.42
C LYS A 229 -13.97 27.14 -20.37
N TRP A 230 -15.03 26.42 -20.00
CA TRP A 230 -14.89 25.38 -18.96
C TRP A 230 -14.69 24.02 -19.63
N ASN A 231 -13.45 23.72 -20.05
CA ASN A 231 -13.13 22.40 -20.63
C ASN A 231 -13.94 21.36 -19.87
N TYR A 232 -14.93 20.74 -20.53
CA TYR A 232 -15.76 19.85 -19.71
C TYR A 232 -15.05 18.55 -19.37
N TRP A 233 -14.08 18.14 -20.17
CA TRP A 233 -13.37 16.90 -19.86
C TRP A 233 -12.42 17.08 -18.69
N LYS A 234 -11.74 18.23 -18.61
CA LYS A 234 -10.92 18.51 -17.43
C LYS A 234 -11.79 18.70 -16.21
N LEU A 235 -12.97 19.31 -16.38
CA LEU A 235 -13.91 19.43 -15.28
C LEU A 235 -14.34 18.06 -14.78
N TRP A 236 -14.63 17.14 -15.70
CA TRP A 236 -14.98 15.78 -15.32
C TRP A 236 -13.84 15.07 -14.62
N ASN A 237 -12.60 15.25 -15.11
CA ASN A 237 -11.45 14.64 -14.46
C ASN A 237 -11.27 15.16 -13.04
N PHE A 238 -11.42 16.47 -12.84
CA PHE A 238 -11.31 17.02 -11.50
C PHE A 238 -12.42 16.49 -10.61
N ALA A 239 -13.63 16.37 -11.16
CA ALA A 239 -14.75 15.86 -10.39
C ALA A 239 -14.50 14.41 -9.96
N LEU A 240 -14.03 13.57 -10.88
CA LEU A 240 -13.72 12.20 -10.54
C LEU A 240 -12.62 12.12 -9.49
N ASP A 241 -11.57 12.94 -9.64
CA ASP A 241 -10.50 12.95 -8.65
C ASP A 241 -11.04 13.33 -7.27
N GLY A 242 -11.82 14.40 -7.20
CA GLY A 242 -12.35 14.81 -5.91
C GLY A 242 -13.27 13.79 -5.29
N ILE A 243 -14.13 13.17 -6.10
CA ILE A 243 -15.10 12.22 -5.57
C ILE A 243 -14.42 10.94 -5.13
N PHE A 244 -13.47 10.43 -5.91
CA PHE A 244 -12.88 9.12 -5.68
C PHE A 244 -11.55 9.17 -4.94
N SER A 245 -11.05 10.35 -4.58
CA SER A 245 -9.74 10.46 -3.97
C SER A 245 -9.75 11.09 -2.59
N PHE A 246 -10.91 11.42 -2.05
CA PHE A 246 -11.00 12.03 -0.73
C PHE A 246 -11.63 11.13 0.31
N SER A 247 -12.70 10.42 -0.04
CA SER A 247 -13.38 9.54 0.90
C SER A 247 -13.75 8.25 0.18
N LEU A 248 -14.33 7.33 0.94
CA LEU A 248 -14.78 6.04 0.43
C LEU A 248 -16.28 6.00 0.19
N LEU A 249 -16.96 7.13 0.28
CA LEU A 249 -18.41 7.14 0.11
C LEU A 249 -18.89 6.57 -1.22
N PRO A 250 -18.24 6.81 -2.36
CA PRO A 250 -18.63 6.08 -3.57
C PRO A 250 -18.49 4.57 -3.43
N LEU A 251 -17.51 4.11 -2.66
CA LEU A 251 -17.30 2.68 -2.42
C LEU A 251 -18.14 2.16 -1.27
N LYS A 252 -18.80 3.03 -0.51
CA LYS A 252 -19.66 2.60 0.59
C LYS A 252 -21.14 2.67 0.25
N VAL A 253 -21.55 3.61 -0.61
CA VAL A 253 -22.93 3.59 -1.13
C VAL A 253 -23.13 2.35 -1.98
N TRP A 254 -22.19 2.07 -2.89
CA TRP A 254 -22.08 0.74 -3.43
C TRP A 254 -21.42 -0.17 -2.39
N THR A 255 -21.54 -1.48 -2.61
CA THR A 255 -21.29 -2.52 -1.60
C THR A 255 -22.45 -2.51 -0.61
N TYR A 256 -23.32 -1.52 -0.73
CA TYR A 256 -24.61 -1.48 -0.05
C TYR A 256 -25.76 -1.53 -1.04
N LEU A 257 -25.69 -0.70 -2.10
CA LEU A 257 -26.67 -0.78 -3.18
C LEU A 257 -26.42 -1.98 -4.08
N GLY A 258 -25.24 -2.59 -3.99
CA GLY A 258 -24.96 -3.81 -4.73
C GLY A 258 -25.24 -5.04 -3.89
N SER A 259 -24.96 -4.96 -2.59
CA SER A 259 -25.31 -6.06 -1.70
C SER A 259 -26.82 -6.21 -1.56
N ILE A 260 -27.57 -5.11 -1.62
CA ILE A 260 -29.03 -5.22 -1.61
C ILE A 260 -29.50 -5.95 -2.86
N ILE A 261 -28.92 -5.64 -4.02
CA ILE A 261 -29.27 -6.33 -5.25
C ILE A 261 -28.93 -7.81 -5.16
N SER A 262 -27.76 -8.12 -4.60
CA SER A 262 -27.37 -9.52 -4.45
C SER A 262 -28.31 -10.27 -3.54
N LEU A 263 -28.71 -9.64 -2.42
CA LEU A 263 -29.65 -10.27 -1.50
C LEU A 263 -31.00 -10.48 -2.16
N LEU A 264 -31.48 -9.49 -2.91
CA LEU A 264 -32.75 -9.60 -3.62
C LEU A 264 -32.67 -10.51 -4.83
N SER A 265 -31.47 -10.95 -5.21
CA SER A 265 -31.33 -11.99 -6.22
C SER A 265 -31.33 -13.39 -5.60
N LEU A 266 -30.51 -13.59 -4.56
CA LEU A 266 -30.55 -14.85 -3.81
C LEU A 266 -31.96 -15.15 -3.31
N ALA A 267 -32.60 -14.17 -2.69
CA ALA A 267 -34.04 -14.20 -2.55
C ALA A 267 -34.67 -13.97 -3.91
N TYR A 268 -35.79 -14.63 -4.15
CA TYR A 268 -36.47 -14.78 -5.44
C TYR A 268 -35.73 -15.76 -6.35
N ALA A 269 -34.46 -16.06 -6.09
CA ALA A 269 -33.92 -17.29 -6.65
C ALA A 269 -34.38 -18.47 -5.82
N SER A 270 -34.28 -18.33 -4.49
CA SER A 270 -34.90 -19.30 -3.60
C SER A 270 -36.40 -19.39 -3.85
N PHE A 271 -37.05 -18.24 -4.08
CA PHE A 271 -38.48 -18.25 -4.35
C PHE A 271 -38.79 -19.00 -5.63
N LEU A 272 -37.98 -18.81 -6.67
CA LEU A 272 -38.16 -19.59 -7.90
C LEU A 272 -37.97 -21.08 -7.63
N ILE A 273 -36.99 -21.43 -6.79
CA ILE A 273 -36.76 -22.84 -6.47
C ILE A 273 -37.99 -23.45 -5.81
N LEU A 274 -38.51 -22.78 -4.77
CA LEU A 274 -39.69 -23.29 -4.08
C LEU A 274 -40.92 -23.28 -4.98
N LYS A 275 -41.06 -22.29 -5.86
CA LYS A 275 -42.20 -22.27 -6.78
C LYS A 275 -42.13 -23.42 -7.77
N THR A 276 -40.94 -23.71 -8.30
CA THR A 276 -40.80 -24.83 -9.22
C THR A 276 -41.02 -26.16 -8.53
N ILE A 277 -40.58 -26.28 -7.27
CA ILE A 277 -40.83 -27.52 -6.54
C ILE A 277 -42.32 -27.67 -6.22
N THR A 278 -42.98 -26.56 -5.90
CA THR A 278 -44.36 -26.63 -5.45
C THR A 278 -45.35 -26.53 -6.60
N LEU A 279 -45.23 -25.48 -7.42
CA LEU A 279 -46.20 -25.20 -8.47
C LEU A 279 -45.87 -25.90 -9.78
N GLY A 280 -45.03 -26.92 -9.75
CA GLY A 280 -44.74 -27.65 -10.96
C GLY A 280 -43.58 -27.05 -11.75
N VAL A 281 -43.32 -27.65 -12.91
CA VAL A 281 -42.18 -27.30 -13.75
C VAL A 281 -42.71 -26.84 -15.11
N ASP A 282 -43.87 -26.19 -15.12
CA ASP A 282 -44.54 -25.75 -16.34
C ASP A 282 -43.68 -24.85 -17.22
N VAL A 283 -42.52 -24.45 -16.71
CA VAL A 283 -41.58 -23.62 -17.48
C VAL A 283 -41.14 -24.38 -18.73
N PRO A 284 -40.90 -23.70 -19.84
CA PRO A 284 -40.64 -24.39 -21.12
C PRO A 284 -39.49 -25.39 -21.12
N GLY A 285 -38.74 -25.45 -20.03
CA GLY A 285 -37.47 -26.16 -20.06
C GLY A 285 -36.36 -25.25 -19.60
N TYR A 286 -36.73 -24.28 -18.77
CA TYR A 286 -35.81 -23.28 -18.23
C TYR A 286 -36.18 -23.14 -16.75
N ALA A 287 -35.74 -22.04 -16.14
CA ALA A 287 -35.78 -21.72 -14.72
C ALA A 287 -34.69 -22.46 -13.96
N SER A 288 -34.01 -23.41 -14.57
CA SER A 288 -32.66 -23.72 -14.13
C SER A 288 -31.70 -22.66 -14.64
N LEU A 289 -31.96 -22.15 -15.85
CA LEU A 289 -31.18 -21.04 -16.39
C LEU A 289 -31.33 -19.80 -15.52
N MET A 290 -32.56 -19.44 -15.17
CA MET A 290 -32.79 -18.21 -14.42
C MET A 290 -32.27 -18.33 -12.98
N VAL A 291 -32.49 -19.48 -12.34
CA VAL A 291 -31.96 -19.68 -11.00
C VAL A 291 -30.44 -19.66 -11.02
N ALA A 292 -29.83 -20.29 -12.03
CA ALA A 292 -28.38 -20.26 -12.15
C ALA A 292 -27.87 -18.84 -12.33
N ILE A 293 -28.52 -18.07 -13.21
CA ILE A 293 -28.11 -16.68 -13.44
C ILE A 293 -28.19 -15.89 -12.15
N LEU A 294 -29.34 -15.96 -11.47
CA LEU A 294 -29.54 -15.18 -10.26
C LEU A 294 -28.54 -15.58 -9.18
N PHE A 295 -28.35 -16.88 -8.97
CA PHE A 295 -27.44 -17.35 -7.92
C PHE A 295 -26.01 -16.93 -8.21
N LEU A 296 -25.54 -17.17 -9.44
CA LEU A 296 -24.16 -16.82 -9.77
C LEU A 296 -23.95 -15.31 -9.70
N GLY A 297 -24.89 -14.53 -10.21
CA GLY A 297 -24.76 -13.08 -10.14
C GLY A 297 -24.74 -12.56 -8.71
N GLY A 298 -25.61 -13.10 -7.86
CA GLY A 298 -25.61 -12.68 -6.47
C GLY A 298 -24.36 -13.08 -5.72
N VAL A 299 -23.86 -14.29 -5.97
CA VAL A 299 -22.62 -14.73 -5.32
C VAL A 299 -21.45 -13.86 -5.77
N GLN A 300 -21.36 -13.58 -7.08
CA GLN A 300 -20.30 -12.71 -7.57
C GLN A 300 -20.46 -11.29 -7.05
N LEU A 301 -21.70 -10.84 -6.82
CA LEU A 301 -21.90 -9.50 -6.27
C LEU A 301 -21.47 -9.44 -4.81
N ILE A 302 -21.72 -10.51 -4.05
CA ILE A 302 -21.20 -10.55 -2.68
C ILE A 302 -19.69 -10.56 -2.68
N SER A 303 -19.09 -11.32 -3.61
CA SER A 303 -17.63 -11.34 -3.71
C SER A 303 -17.09 -9.96 -4.06
N LEU A 304 -17.73 -9.26 -4.99
CA LEU A 304 -17.32 -7.92 -5.36
C LEU A 304 -17.49 -6.95 -4.20
N GLY A 305 -18.56 -7.12 -3.41
CA GLY A 305 -18.76 -6.27 -2.25
C GLY A 305 -17.70 -6.47 -1.17
N VAL A 306 -17.35 -7.72 -0.90
CA VAL A 306 -16.30 -7.99 0.07
C VAL A 306 -14.97 -7.45 -0.43
N ILE A 307 -14.69 -7.64 -1.72
CA ILE A 307 -13.47 -7.08 -2.32
C ILE A 307 -13.48 -5.57 -2.20
N GLY A 308 -14.63 -4.94 -2.41
CA GLY A 308 -14.71 -3.50 -2.30
C GLY A 308 -14.49 -2.99 -0.89
N GLU A 309 -15.06 -3.67 0.10
CA GLU A 309 -14.85 -3.27 1.49
C GLU A 309 -13.38 -3.41 1.87
N TYR A 310 -12.75 -4.52 1.52
CA TYR A 310 -11.34 -4.69 1.88
C TYR A 310 -10.44 -3.78 1.07
N LEU A 311 -10.85 -3.42 -0.16
CA LEU A 311 -10.09 -2.47 -0.95
C LEU A 311 -10.22 -1.06 -0.39
N GLY A 312 -11.38 -0.72 0.17
CA GLY A 312 -11.52 0.54 0.87
C GLY A 312 -10.67 0.60 2.12
N ARG A 313 -10.59 -0.51 2.85
CA ARG A 313 -9.69 -0.58 4.00
C ARG A 313 -8.24 -0.42 3.55
N VAL A 314 -7.85 -1.09 2.46
CA VAL A 314 -6.49 -0.96 1.94
C VAL A 314 -6.21 0.46 1.51
N TYR A 315 -7.21 1.12 0.89
CA TYR A 315 -7.04 2.50 0.46
C TYR A 315 -6.84 3.43 1.65
N GLU A 316 -7.63 3.24 2.71
CA GLU A 316 -7.46 4.07 3.90
C GLU A 316 -6.11 3.83 4.55
N GLU A 317 -5.66 2.58 4.61
CA GLU A 317 -4.34 2.28 5.15
C GLU A 317 -3.24 2.90 4.30
N VAL A 318 -3.39 2.82 2.98
CA VAL A 318 -2.35 3.27 2.06
C VAL A 318 -2.22 4.79 2.09
N LYS A 319 -3.35 5.49 2.22
CA LYS A 319 -3.31 6.95 2.30
C LYS A 319 -2.46 7.42 3.47
N ALA A 320 -2.58 6.74 4.61
CA ALA A 320 -1.72 6.98 5.78
C ALA A 320 -1.85 8.41 6.30
N ARG A 321 -3.08 8.90 6.39
CA ARG A 321 -3.31 10.15 7.10
C ARG A 321 -3.08 9.95 8.59
N PRO A 322 -2.65 11.00 9.29
CA PRO A 322 -2.54 10.90 10.75
C PRO A 322 -3.91 10.69 11.38
N LEU A 323 -3.93 9.98 12.51
CA LEU A 323 -5.20 9.70 13.19
C LEU A 323 -5.84 10.98 13.67
N TYR A 324 -5.05 11.91 14.18
CA TYR A 324 -5.54 13.16 14.75
C TYR A 324 -4.58 14.28 14.39
N LEU A 325 -5.00 15.51 14.68
CA LEU A 325 -4.16 16.68 14.47
C LEU A 325 -4.32 17.58 15.69
N VAL A 326 -3.27 17.70 16.49
CA VAL A 326 -3.31 18.53 17.69
C VAL A 326 -3.14 19.99 17.29
N SER A 327 -4.06 20.82 17.75
CA SER A 327 -4.00 22.25 17.46
C SER A 327 -3.15 22.98 18.50
N ASP A 328 -3.49 22.82 19.78
CA ASP A 328 -2.73 23.45 20.86
C ASP A 328 -2.50 22.44 21.97
N LEU A 329 -1.50 22.73 22.79
CA LEU A 329 -1.17 21.91 23.95
C LEU A 329 -1.04 22.79 25.17
N TRP A 330 -1.23 22.19 26.34
CA TRP A 330 -1.08 22.88 27.63
C TRP A 330 -0.49 21.90 28.62
N GLY A 331 0.74 22.16 29.05
CA GLY A 331 1.43 21.28 29.98
C GLY A 331 2.20 20.15 29.34
N LEU A 332 2.14 20.00 28.02
CA LEU A 332 2.85 18.96 27.31
C LEU A 332 3.60 19.56 26.13
N GLU A 333 4.66 18.88 25.72
CA GLU A 333 5.45 19.26 24.56
C GLU A 333 5.01 18.48 23.35
N TYR A 334 5.15 19.09 22.18
CA TYR A 334 4.68 18.47 20.94
C TYR A 334 5.47 17.20 20.63
N LEU A 335 4.77 16.21 20.10
CA LEU A 335 5.39 14.94 19.76
C LEU A 335 6.17 15.07 18.46
N PRO A 336 7.45 14.67 18.42
CA PRO A 336 8.27 14.74 17.21
C PRO A 336 7.76 13.81 16.11
N THR B 25 9.43 10.70 36.40
CA THR B 25 8.77 9.38 36.31
C THR B 25 7.34 9.52 36.78
N ILE B 26 6.39 9.53 35.84
CA ILE B 26 4.98 9.59 36.21
C ILE B 26 4.46 8.17 36.36
N GLU B 27 3.86 7.88 37.52
CA GLU B 27 3.43 6.52 37.81
C GLU B 27 2.06 6.20 37.22
N LEU B 28 1.27 7.19 36.84
CA LEU B 28 -0.09 6.93 36.37
C LEU B 28 -0.53 8.06 35.45
N SER B 29 -1.13 7.69 34.32
CA SER B 29 -1.68 8.65 33.37
C SER B 29 -3.16 8.37 33.19
N ILE B 30 -3.99 9.31 33.64
CA ILE B 30 -5.42 9.30 33.37
C ILE B 30 -5.64 10.02 32.06
N VAL B 31 -6.47 9.45 31.19
CA VAL B 31 -6.78 10.03 29.89
C VAL B 31 -8.29 10.24 29.82
N ILE B 32 -8.71 11.50 29.75
CA ILE B 32 -10.12 11.85 29.70
C ILE B 32 -10.38 12.55 28.37
N PRO B 33 -11.04 11.87 27.42
CA PRO B 33 -11.52 12.56 26.22
C PRO B 33 -12.83 13.28 26.52
N MET B 34 -12.88 14.57 26.25
CA MET B 34 -14.05 15.39 26.52
C MET B 34 -14.54 16.09 25.26
N TYR B 35 -15.86 16.10 25.10
CA TYR B 35 -16.54 16.79 24.01
C TYR B 35 -17.85 17.32 24.56
N ASN B 36 -17.95 18.65 24.69
CA ASN B 36 -19.11 19.31 25.28
C ASN B 36 -19.34 18.83 26.72
N GLU B 37 -18.25 18.61 27.44
CA GLU B 37 -18.34 18.17 28.84
C GLU B 37 -18.28 19.35 29.80
N GLU B 38 -19.14 20.34 29.59
CA GLU B 38 -19.25 21.44 30.54
C GLU B 38 -20.12 21.05 31.71
N ASP B 39 -20.04 21.86 32.77
CA ASP B 39 -20.78 21.67 34.01
C ASP B 39 -20.49 20.34 34.69
N ASN B 40 -19.47 19.60 34.22
CA ASN B 40 -19.08 18.34 34.82
C ASN B 40 -17.58 18.25 35.08
N LEU B 41 -16.82 19.31 34.81
CA LEU B 41 -15.38 19.28 35.00
C LEU B 41 -15.02 19.28 36.48
N GLU B 42 -15.67 20.15 37.26
CA GLU B 42 -15.32 20.27 38.67
C GLU B 42 -15.65 18.98 39.43
N HIS B 43 -16.81 18.38 39.15
CA HIS B 43 -17.16 17.12 39.80
C HIS B 43 -16.22 16.01 39.39
N LEU B 44 -15.88 15.94 38.10
CA LEU B 44 -14.95 14.92 37.61
C LEU B 44 -13.60 15.04 38.29
N PHE B 45 -13.08 16.27 38.39
CA PHE B 45 -11.76 16.45 38.98
C PHE B 45 -11.79 16.25 40.49
N ALA B 46 -12.88 16.61 41.16
CA ALA B 46 -13.00 16.33 42.58
C ALA B 46 -12.98 14.83 42.86
N ARG B 47 -13.75 14.06 42.08
CA ARG B 47 -13.74 12.61 42.24
C ARG B 47 -12.37 12.03 41.90
N LEU B 48 -11.73 12.53 40.84
CA LEU B 48 -10.43 12.03 40.47
C LEU B 48 -9.39 12.30 41.54
N LEU B 49 -9.43 13.48 42.15
CA LEU B 49 -8.50 13.78 43.24
C LEU B 49 -8.77 12.91 44.46
N GLU B 50 -10.05 12.79 44.83
CA GLU B 50 -10.41 11.95 45.97
C GLU B 50 -10.03 10.49 45.75
N VAL B 51 -9.91 10.06 44.50
CA VAL B 51 -9.50 8.68 44.21
C VAL B 51 -7.98 8.57 44.14
N LEU B 52 -7.30 9.56 43.56
CA LEU B 52 -5.88 9.44 43.25
C LEU B 52 -4.96 9.85 44.39
N THR B 53 -5.36 10.84 45.21
CA THR B 53 -4.52 11.22 46.34
C THR B 53 -4.28 10.08 47.32
N PRO B 54 -5.28 9.27 47.71
CA PRO B 54 -4.97 8.14 48.60
C PRO B 54 -4.04 7.11 47.98
N LEU B 55 -3.92 7.08 46.65
CA LEU B 55 -2.98 6.15 46.02
C LEU B 55 -1.54 6.48 46.37
N LYS B 56 -1.26 7.74 46.71
CA LYS B 56 0.08 8.18 47.09
C LYS B 56 1.10 7.89 46.01
N ILE B 57 0.72 8.11 44.75
CA ILE B 57 1.62 7.96 43.62
C ILE B 57 1.50 9.22 42.76
N THR B 58 2.54 9.47 41.96
CA THR B 58 2.56 10.62 41.08
C THR B 58 1.64 10.35 39.89
N TYR B 59 0.55 11.10 39.80
CA TYR B 59 -0.44 10.92 38.75
C TYR B 59 -0.41 12.11 37.79
N GLU B 60 -1.04 11.92 36.65
CA GLU B 60 -1.03 12.91 35.58
C GLU B 60 -2.30 12.77 34.77
N ILE B 61 -3.13 13.81 34.76
CA ILE B 61 -4.39 13.82 34.04
C ILE B 61 -4.19 14.53 32.71
N ILE B 62 -4.67 13.92 31.62
CA ILE B 62 -4.59 14.49 30.29
C ILE B 62 -6.01 14.62 29.78
N CYS B 63 -6.46 15.86 29.57
CA CYS B 63 -7.79 16.16 29.07
C CYS B 63 -7.67 16.41 27.57
N VAL B 64 -8.25 15.52 26.78
CA VAL B 64 -8.22 15.62 25.32
C VAL B 64 -9.51 16.30 24.91
N ASN B 65 -9.44 17.60 24.61
CA ASN B 65 -10.59 18.34 24.13
C ASN B 65 -10.82 17.98 22.67
N ASP B 66 -11.85 17.18 22.40
CA ASP B 66 -12.11 16.68 21.05
C ASP B 66 -12.96 17.67 20.26
N GLY B 67 -12.40 18.87 20.08
CA GLY B 67 -13.05 19.89 19.29
C GLY B 67 -14.43 20.25 19.78
N SER B 68 -14.58 20.47 21.08
CA SER B 68 -15.88 20.77 21.66
C SER B 68 -16.44 22.07 21.09
N LYS B 69 -17.72 22.04 20.74
CA LYS B 69 -18.43 23.26 20.33
C LYS B 69 -19.10 23.91 21.55
N ASP B 70 -18.30 24.18 22.56
CA ASP B 70 -18.80 24.60 23.86
C ASP B 70 -17.70 25.37 24.58
N LYS B 71 -18.00 25.81 25.80
CA LYS B 71 -17.01 26.61 26.57
C LYS B 71 -16.25 25.71 27.55
N THR B 72 -16.08 24.43 27.21
CA THR B 72 -15.33 23.53 28.07
C THR B 72 -13.84 23.82 28.04
N LEU B 73 -13.33 24.34 26.91
CA LEU B 73 -11.90 24.63 26.81
C LEU B 73 -11.49 25.70 27.80
N LYS B 74 -12.33 26.72 28.00
CA LYS B 74 -12.02 27.77 28.96
C LYS B 74 -11.92 27.21 30.38
N GLN B 75 -12.88 26.36 30.76
CA GLN B 75 -12.85 25.76 32.09
C GLN B 75 -11.63 24.86 32.25
N LEU B 76 -11.31 24.09 31.21
CA LEU B 76 -10.11 23.25 31.26
C LEU B 76 -8.86 24.10 31.42
N ILE B 77 -8.81 25.25 30.74
CA ILE B 77 -7.65 26.13 30.84
C ILE B 77 -7.52 26.68 32.25
N ASP B 78 -8.62 27.13 32.84
CA ASP B 78 -8.55 27.62 34.23
C ASP B 78 -8.13 26.52 35.19
N CYS B 79 -8.65 25.30 35.01
CA CYS B 79 -8.24 24.19 35.87
C CYS B 79 -6.77 23.88 35.70
N TYR B 80 -6.27 23.89 34.46
CA TYR B 80 -4.85 23.64 34.22
C TYR B 80 -3.98 24.71 34.85
N GLN B 81 -4.43 25.97 34.79
CA GLN B 81 -3.69 27.05 35.44
C GLN B 81 -3.66 26.86 36.95
N SER B 82 -4.79 26.49 37.54
CA SER B 82 -4.85 26.36 38.99
C SER B 82 -4.13 25.11 39.50
N ASN B 83 -4.28 23.99 38.81
CA ASN B 83 -3.76 22.70 39.27
C ASN B 83 -2.68 22.21 38.31
N ARG B 84 -1.55 21.79 38.87
CA ARG B 84 -0.39 21.43 38.06
C ARG B 84 -0.52 20.07 37.40
N GLN B 85 -1.29 19.15 38.00
CA GLN B 85 -1.33 17.78 37.50
C GLN B 85 -2.12 17.64 36.20
N ILE B 86 -2.92 18.64 35.84
CA ILE B 86 -3.77 18.56 34.66
C ILE B 86 -3.04 19.16 33.47
N LYS B 87 -3.02 18.41 32.36
CA LYS B 87 -2.48 18.86 31.10
C LYS B 87 -3.55 18.66 30.03
N ILE B 88 -3.43 19.41 28.94
CA ILE B 88 -4.51 19.51 27.95
C ILE B 88 -3.94 19.19 26.56
N VAL B 89 -4.66 18.35 25.82
CA VAL B 89 -4.41 18.10 24.40
C VAL B 89 -5.62 18.61 23.65
N ASN B 90 -5.43 19.67 22.85
CA ASN B 90 -6.51 20.25 22.08
C ASN B 90 -6.39 19.78 20.64
N LEU B 91 -7.42 19.09 20.15
CA LEU B 91 -7.43 18.60 18.79
C LEU B 91 -7.98 19.65 17.84
N SER B 92 -7.59 19.55 16.57
CA SER B 92 -7.95 20.56 15.58
C SER B 92 -9.47 20.64 15.41
N ARG B 93 -10.14 19.50 15.42
CA ARG B 93 -11.59 19.45 15.29
C ARG B 93 -12.09 18.30 16.16
N ASN B 94 -13.36 17.92 15.97
CA ASN B 94 -13.92 16.76 16.63
C ASN B 94 -13.59 15.53 15.80
N PHE B 95 -12.75 14.66 16.33
CA PHE B 95 -12.29 13.48 15.62
C PHE B 95 -13.03 12.21 16.01
N GLY B 96 -13.57 12.16 17.23
CA GLY B 96 -14.21 10.96 17.73
C GLY B 96 -13.63 10.55 19.07
N LYS B 97 -14.34 9.68 19.79
CA LYS B 97 -13.87 9.29 21.12
C LYS B 97 -12.64 8.39 21.03
N GLU B 98 -12.64 7.45 20.08
CA GLU B 98 -11.49 6.56 19.94
C GLU B 98 -10.24 7.34 19.54
N ILE B 99 -10.38 8.29 18.62
CA ILE B 99 -9.24 9.08 18.19
C ILE B 99 -8.75 9.99 19.31
N ALA B 100 -9.67 10.54 20.11
CA ALA B 100 -9.28 11.35 21.25
C ALA B 100 -8.54 10.51 22.29
N LEU B 101 -9.00 9.28 22.52
CA LEU B 101 -8.31 8.40 23.44
C LEU B 101 -6.92 8.05 22.92
N SER B 102 -6.80 7.80 21.62
CA SER B 102 -5.48 7.53 21.04
C SER B 102 -4.55 8.73 21.17
N ALA B 103 -5.07 9.93 20.94
CA ALA B 103 -4.26 11.13 21.10
C ALA B 103 -3.81 11.33 22.54
N GLY B 104 -4.70 11.09 23.49
CA GLY B 104 -4.32 11.20 24.89
C GLY B 104 -3.31 10.17 25.32
N ILE B 105 -3.46 8.93 24.84
CA ILE B 105 -2.52 7.87 25.18
C ILE B 105 -1.16 8.15 24.55
N ASP B 106 -1.14 8.74 23.35
CA ASP B 106 0.13 9.07 22.71
C ASP B 106 0.92 10.08 23.53
N TYR B 107 0.24 11.05 24.11
CA TYR B 107 0.87 12.07 24.93
C TYR B 107 1.02 11.66 26.39
N ALA B 108 0.55 10.47 26.76
CA ALA B 108 0.65 10.02 28.14
C ALA B 108 2.04 9.43 28.40
N GLN B 109 2.69 9.93 29.43
CA GLN B 109 4.04 9.51 29.79
C GLN B 109 4.09 8.68 31.06
N GLY B 110 2.93 8.26 31.58
CA GLY B 110 2.92 7.48 32.80
C GLY B 110 3.29 6.03 32.58
N ASN B 111 3.70 5.37 33.67
CA ASN B 111 3.98 3.95 33.60
C ASN B 111 2.74 3.14 33.30
N ALA B 112 1.59 3.58 33.81
CA ALA B 112 0.30 2.99 33.50
C ALA B 112 -0.63 4.06 32.96
N VAL B 113 -1.50 3.69 32.03
CA VAL B 113 -2.45 4.61 31.41
C VAL B 113 -3.85 4.09 31.66
N ILE B 114 -4.72 4.95 32.16
CA ILE B 114 -6.09 4.62 32.49
C ILE B 114 -7.02 5.54 31.71
N PRO B 115 -7.54 5.09 30.56
CA PRO B 115 -8.56 5.86 29.85
C PRO B 115 -9.86 5.89 30.64
N ILE B 116 -10.34 7.09 30.95
CA ILE B 116 -11.56 7.28 31.73
C ILE B 116 -12.45 8.28 31.02
N ASP B 117 -13.74 8.25 31.36
CA ASP B 117 -14.74 9.10 30.74
C ASP B 117 -15.02 10.31 31.62
N ALA B 118 -15.26 11.45 30.99
CA ALA B 118 -15.56 12.66 31.74
C ALA B 118 -16.95 12.63 32.35
N ASP B 119 -17.84 11.82 31.78
CA ASP B 119 -19.24 11.75 32.27
C ASP B 119 -19.27 10.93 33.56
N LEU B 120 -18.25 10.10 33.80
CA LEU B 120 -18.12 9.28 35.00
C LEU B 120 -19.22 8.22 35.10
N GLN B 121 -19.57 7.60 33.97
CA GLN B 121 -20.29 6.33 34.04
C GLN B 121 -19.45 5.28 34.75
N ASP B 122 -18.18 5.20 34.39
CA ASP B 122 -17.25 4.29 35.06
C ASP B 122 -16.79 4.91 36.38
N PRO B 123 -16.94 4.22 37.50
CA PRO B 123 -16.58 4.79 38.78
C PRO B 123 -15.07 4.93 38.90
N PRO B 124 -14.57 6.13 39.19
CA PRO B 124 -13.12 6.32 39.35
C PRO B 124 -12.54 5.52 40.50
N GLU B 125 -13.35 5.11 41.48
CA GLU B 125 -12.84 4.30 42.57
C GLU B 125 -12.19 3.02 42.07
N LEU B 126 -12.74 2.45 40.99
CA LEU B 126 -12.17 1.24 40.41
C LEU B 126 -10.73 1.45 39.95
N ILE B 127 -10.34 2.69 39.68
CA ILE B 127 -8.94 2.99 39.39
C ILE B 127 -8.05 2.36 40.45
N HIS B 128 -8.37 2.61 41.72
CA HIS B 128 -7.72 1.96 42.84
C HIS B 128 -7.56 0.47 42.57
N GLU B 129 -8.68 -0.23 42.40
CA GLU B 129 -8.65 -1.66 42.17
C GLU B 129 -7.81 -1.98 40.94
N LEU B 130 -8.00 -1.22 39.86
CA LEU B 130 -7.20 -1.43 38.66
C LEU B 130 -5.73 -1.34 39.00
N VAL B 131 -5.33 -0.28 39.70
CA VAL B 131 -3.93 -0.11 40.08
C VAL B 131 -3.47 -1.33 40.86
N ASP B 132 -4.30 -1.82 41.78
CA ASP B 132 -3.93 -2.99 42.56
C ASP B 132 -3.60 -4.17 41.66
N LYS B 133 -4.47 -4.44 40.68
CA LYS B 133 -4.19 -5.54 39.76
C LYS B 133 -2.93 -5.27 38.95
N TRP B 134 -2.69 -4.01 38.61
CA TRP B 134 -1.45 -3.66 37.92
C TRP B 134 -0.23 -4.01 38.76
N ARG B 135 -0.34 -3.92 40.07
CA ARG B 135 0.77 -4.28 40.93
C ARG B 135 0.86 -5.78 41.18
N GLU B 136 -0.17 -6.54 40.80
CA GLU B 136 -0.08 -7.99 40.93
C GLU B 136 0.82 -8.59 39.85
N GLY B 137 0.89 -7.94 38.69
CA GLY B 137 1.80 -8.37 37.65
C GLY B 137 1.22 -8.30 36.25
N TYR B 138 -0.05 -7.92 36.13
CA TYR B 138 -0.71 -7.93 34.83
C TYR B 138 -0.39 -6.66 34.06
N ASP B 139 -0.41 -6.78 32.74
CA ASP B 139 -0.07 -5.68 31.84
C ASP B 139 -1.30 -4.94 31.31
N ILE B 140 -2.40 -5.64 31.06
CA ILE B 140 -3.67 -5.02 30.69
C ILE B 140 -4.72 -5.49 31.69
N VAL B 141 -5.36 -4.55 32.37
CA VAL B 141 -6.42 -4.85 33.32
C VAL B 141 -7.68 -4.20 32.79
N TYR B 142 -8.58 -5.00 32.24
CA TYR B 142 -9.85 -4.50 31.76
C TYR B 142 -10.81 -4.24 32.92
N ALA B 143 -11.72 -3.31 32.72
CA ALA B 143 -12.79 -3.04 33.67
C ALA B 143 -14.10 -3.43 32.99
N THR B 144 -14.63 -4.59 33.35
CA THR B 144 -15.81 -5.15 32.71
C THR B 144 -17.00 -5.06 33.64
N ARG B 145 -18.11 -4.53 33.13
CA ARG B 145 -19.34 -4.47 33.89
C ARG B 145 -19.91 -5.87 34.08
N ARG B 146 -20.45 -6.13 35.27
CA ARG B 146 -20.88 -7.48 35.61
C ARG B 146 -22.03 -7.94 34.72
N SER B 147 -23.03 -7.08 34.53
CA SER B 147 -24.16 -7.44 33.67
C SER B 147 -24.83 -6.16 33.19
N ARG B 148 -25.54 -6.28 32.07
CA ARG B 148 -26.25 -5.12 31.51
C ARG B 148 -27.50 -4.80 32.31
N GLN B 149 -28.12 -5.81 32.92
CA GLN B 149 -29.28 -5.64 33.79
C GLN B 149 -30.48 -5.06 33.06
N GLY B 150 -30.39 -3.79 32.68
CA GLY B 150 -31.52 -3.14 32.03
C GLY B 150 -31.87 -3.74 30.68
N GLU B 151 -30.85 -4.10 29.91
CA GLU B 151 -31.08 -4.66 28.58
C GLU B 151 -31.60 -6.09 28.72
N THR B 152 -32.76 -6.36 28.11
CA THR B 152 -33.45 -7.62 28.35
C THR B 152 -33.11 -8.70 27.33
N TRP B 153 -33.46 -8.46 26.05
CA TRP B 153 -33.27 -9.48 25.03
C TRP B 153 -32.37 -9.01 23.89
N VAL B 154 -32.66 -7.88 23.26
CA VAL B 154 -32.05 -7.56 21.98
C VAL B 154 -30.59 -7.18 22.15
N LYS B 155 -30.32 -6.19 23.00
CA LYS B 155 -28.97 -5.63 23.10
C LYS B 155 -27.99 -6.65 23.64
N GLN B 156 -28.35 -7.36 24.71
CA GLN B 156 -27.42 -8.31 25.31
C GLN B 156 -27.15 -9.49 24.39
N PHE B 157 -28.20 -10.03 23.75
CA PHE B 157 -28.00 -11.15 22.83
C PHE B 157 -27.18 -10.73 21.61
N THR B 158 -27.43 -9.53 21.07
CA THR B 158 -26.66 -9.10 19.91
C THR B 158 -25.21 -8.81 20.28
N ALA B 159 -24.97 -8.29 21.50
CA ALA B 159 -23.60 -8.11 21.96
C ALA B 159 -22.90 -9.45 22.15
N LYS B 160 -23.61 -10.44 22.70
CA LYS B 160 -23.04 -11.77 22.86
C LYS B 160 -22.68 -12.38 21.51
N MET B 161 -23.58 -12.26 20.52
CA MET B 161 -23.30 -12.79 19.20
C MET B 161 -22.12 -12.08 18.55
N PHE B 162 -22.05 -10.75 18.69
CA PHE B 162 -20.93 -10.01 18.12
C PHE B 162 -19.62 -10.44 18.75
N TYR B 163 -19.58 -10.58 20.07
CA TYR B 163 -18.36 -11.01 20.73
C TYR B 163 -17.98 -12.43 20.34
N LYS B 164 -18.98 -13.32 20.20
CA LYS B 164 -18.68 -14.69 19.79
C LYS B 164 -18.09 -14.74 18.38
N VAL B 165 -18.63 -13.92 17.47
CA VAL B 165 -18.08 -13.90 16.12
C VAL B 165 -16.68 -13.30 16.12
N ILE B 166 -16.46 -12.26 16.91
CA ILE B 166 -15.15 -11.62 16.95
C ILE B 166 -14.10 -12.55 17.55
N GLY B 167 -14.49 -13.36 18.54
CA GLY B 167 -13.52 -14.15 19.27
C GLY B 167 -12.71 -15.09 18.41
N ARG B 168 -13.34 -15.69 17.39
CA ARG B 168 -12.63 -16.58 16.50
C ARG B 168 -11.53 -15.85 15.74
N MET B 169 -11.79 -14.61 15.32
CA MET B 169 -10.78 -13.82 14.63
C MET B 169 -9.63 -13.47 15.57
N THR B 170 -9.92 -13.09 16.80
CA THR B 170 -8.89 -12.67 17.73
C THR B 170 -8.08 -13.88 18.21
N GLU B 171 -6.84 -13.61 18.61
CA GLU B 171 -5.95 -14.65 19.11
C GLU B 171 -6.15 -14.91 20.59
N ILE B 172 -6.39 -13.87 21.39
CA ILE B 172 -6.59 -13.98 22.82
C ILE B 172 -8.05 -13.68 23.12
N LYS B 173 -8.68 -14.53 23.94
CA LYS B 173 -10.09 -14.39 24.29
C LYS B 173 -10.24 -13.17 25.20
N ILE B 174 -10.77 -12.09 24.65
CA ILE B 174 -11.04 -10.86 25.41
C ILE B 174 -12.20 -11.13 26.36
N PRO B 175 -12.29 -10.42 27.49
CA PRO B 175 -13.41 -10.67 28.40
C PRO B 175 -14.67 -9.98 27.91
N PRO B 176 -15.84 -10.45 28.32
CA PRO B 176 -17.09 -9.85 27.84
C PRO B 176 -17.44 -8.59 28.61
N ASN B 177 -18.40 -7.84 28.05
CA ASN B 177 -18.91 -6.62 28.67
C ASN B 177 -17.78 -5.63 28.95
N THR B 178 -16.84 -5.52 28.01
CA THR B 178 -15.72 -4.62 28.19
C THR B 178 -16.04 -3.25 27.59
N GLY B 179 -15.23 -2.27 27.97
CA GLY B 179 -15.34 -0.93 27.44
C GLY B 179 -13.98 -0.29 27.26
N ASP B 180 -13.91 1.03 27.39
CA ASP B 180 -12.65 1.75 27.31
C ASP B 180 -12.08 2.12 28.67
N PHE B 181 -12.70 1.66 29.75
CA PHE B 181 -12.14 1.78 31.09
C PHE B 181 -11.18 0.61 31.29
N ARG B 182 -9.89 0.89 31.32
CA ARG B 182 -8.89 -0.16 31.51
C ARG B 182 -7.60 0.48 31.97
N LEU B 183 -6.69 -0.37 32.44
CA LEU B 183 -5.33 0.04 32.78
C LEU B 183 -4.39 -0.67 31.84
N MET B 184 -3.54 0.09 31.16
CA MET B 184 -2.58 -0.45 30.21
C MET B 184 -1.18 -0.09 30.66
N ASP B 185 -0.32 -1.09 30.76
CA ASP B 185 1.07 -0.87 31.15
C ASP B 185 1.81 -0.12 30.06
N ARG B 186 2.89 0.56 30.46
CA ARG B 186 3.72 1.27 29.49
C ARG B 186 4.22 0.34 28.39
N LYS B 187 4.49 -0.92 28.75
CA LYS B 187 4.87 -1.92 27.76
C LYS B 187 3.75 -2.13 26.75
N VAL B 188 2.52 -2.26 27.23
CA VAL B 188 1.38 -2.45 26.35
C VAL B 188 1.11 -1.18 25.54
N VAL B 189 1.26 -0.01 26.17
CA VAL B 189 1.05 1.24 25.44
C VAL B 189 2.04 1.36 24.30
N ASN B 190 3.31 1.03 24.54
CA ASN B 190 4.31 1.09 23.50
C ASN B 190 4.03 0.06 22.41
N ALA B 191 3.57 -1.13 22.79
CA ALA B 191 3.23 -2.14 21.79
C ALA B 191 2.07 -1.67 20.92
N ILE B 192 1.07 -1.03 21.51
CA ILE B 192 -0.06 -0.53 20.75
C ILE B 192 0.38 0.59 19.82
N LYS B 193 1.23 1.50 20.30
CA LYS B 193 1.73 2.57 19.47
C LYS B 193 2.61 2.07 18.33
N GLN B 194 3.05 0.81 18.40
CA GLN B 194 3.83 0.20 17.34
C GLN B 194 2.99 -0.24 16.15
N LEU B 195 1.65 -0.15 16.26
CA LEU B 195 0.77 -0.55 15.17
C LEU B 195 0.32 0.69 14.42
N PRO B 196 0.85 0.97 13.21
CA PRO B 196 0.46 2.16 12.46
C PRO B 196 -0.73 1.92 11.54
N GLU B 197 -1.83 1.42 12.10
CA GLU B 197 -3.04 1.17 11.33
C GLU B 197 -3.92 2.41 11.31
N ARG B 198 -4.42 2.74 10.13
CA ARG B 198 -5.40 3.84 10.02
C ARG B 198 -6.82 3.35 10.21
N THR B 199 -7.09 2.07 9.95
CA THR B 199 -8.37 1.44 10.23
C THR B 199 -8.17 0.58 11.48
N ARG B 200 -8.58 1.12 12.63
CA ARG B 200 -8.30 0.49 13.92
C ARG B 200 -9.58 -0.04 14.53
N PHE B 201 -9.53 -1.28 15.00
CA PHE B 201 -10.57 -1.89 15.83
C PHE B 201 -9.89 -2.24 17.15
N MET B 202 -9.97 -1.31 18.12
CA MET B 202 -9.13 -1.39 19.30
C MET B 202 -9.39 -2.66 20.11
N LYS B 203 -10.62 -3.17 20.10
CA LYS B 203 -10.93 -4.38 20.86
C LYS B 203 -10.13 -5.57 20.36
N GLY B 204 -10.01 -5.72 19.04
CA GLY B 204 -9.17 -6.77 18.49
C GLY B 204 -7.69 -6.47 18.54
N LEU B 205 -7.32 -5.19 18.43
CA LEU B 205 -5.91 -4.83 18.50
C LEU B 205 -5.33 -5.15 19.87
N PHE B 206 -6.11 -4.91 20.94
CA PHE B 206 -5.62 -5.24 22.28
C PHE B 206 -5.49 -6.74 22.47
N ALA B 207 -6.28 -7.53 21.75
CA ALA B 207 -6.13 -8.99 21.80
C ALA B 207 -4.93 -9.46 21.01
N TRP B 208 -4.64 -8.79 19.89
CA TRP B 208 -3.51 -9.21 19.04
C TRP B 208 -2.18 -9.05 19.77
N VAL B 209 -2.05 -7.93 20.48
CA VAL B 209 -0.81 -7.64 21.27
C VAL B 209 -0.97 -8.37 22.60
N GLY B 210 -1.18 -9.68 22.57
CA GLY B 210 -1.49 -10.35 23.85
C GLY B 210 -0.36 -10.24 24.85
N TYR B 211 -0.68 -10.02 26.12
CA TYR B 211 0.32 -9.96 27.21
C TYR B 211 -0.34 -10.58 28.42
N ARG B 212 0.22 -10.38 29.62
CA ARG B 212 -0.50 -10.84 30.83
C ARG B 212 -1.74 -9.96 31.01
N GLN B 213 -2.86 -10.31 30.36
CA GLN B 213 -4.08 -9.55 30.56
C GLN B 213 -4.92 -10.15 31.69
N THR B 214 -5.94 -9.40 32.09
CA THR B 214 -6.91 -9.82 33.10
C THR B 214 -8.08 -8.84 33.04
N PHE B 215 -8.99 -8.95 34.01
CA PHE B 215 -10.11 -8.03 34.10
C PHE B 215 -10.54 -7.89 35.56
N VAL B 216 -11.18 -6.77 35.86
CA VAL B 216 -11.73 -6.50 37.19
C VAL B 216 -13.19 -6.13 37.01
N LEU B 217 -14.08 -6.85 37.70
CA LEU B 217 -15.51 -6.61 37.57
C LEU B 217 -15.93 -5.38 38.38
N PHE B 218 -16.95 -4.70 37.87
CA PHE B 218 -17.49 -3.52 38.54
C PHE B 218 -18.94 -3.33 38.12
N ASP B 219 -19.59 -2.37 38.78
CA ASP B 219 -20.96 -2.00 38.48
C ASP B 219 -21.00 -0.56 38.03
N ARG B 220 -21.78 -0.28 36.99
CA ARG B 220 -21.93 1.08 36.48
C ARG B 220 -22.89 1.91 37.32
N GLU B 221 -23.37 1.36 38.43
CA GLU B 221 -24.21 1.98 39.47
C GLU B 221 -25.57 2.40 38.92
N PRO B 222 -26.61 2.44 39.75
CA PRO B 222 -27.97 2.68 39.26
C PRO B 222 -28.28 4.13 38.93
N TRP B 230 -29.78 3.36 20.45
CA TRP B 230 -28.85 2.59 19.61
C TRP B 230 -29.22 2.85 18.15
N ASN B 231 -28.67 3.92 17.60
CA ASN B 231 -28.92 4.25 16.20
C ASN B 231 -28.22 3.25 15.28
N TYR B 232 -28.82 3.02 14.12
CA TYR B 232 -28.22 2.13 13.13
C TYR B 232 -26.92 2.71 12.57
N TRP B 233 -26.76 4.05 12.56
CA TRP B 233 -25.54 4.59 11.89
C TRP B 233 -24.30 4.57 12.79
N LYS B 234 -24.39 3.96 13.98
CA LYS B 234 -23.19 3.69 14.75
C LYS B 234 -23.04 2.23 15.15
N LEU B 235 -24.09 1.61 15.69
CA LEU B 235 -23.99 0.23 16.13
C LEU B 235 -23.86 -0.76 14.97
N TRP B 236 -24.07 -0.31 13.73
CA TRP B 236 -23.81 -1.12 12.55
C TRP B 236 -22.48 -0.77 11.90
N ASN B 237 -22.15 0.52 11.82
CA ASN B 237 -20.87 0.92 11.24
C ASN B 237 -19.70 0.39 12.06
N PHE B 238 -19.83 0.47 13.39
CA PHE B 238 -18.73 0.00 14.27
C PHE B 238 -18.62 -1.52 14.12
N ALA B 239 -19.76 -2.20 14.07
CA ALA B 239 -19.76 -3.66 13.97
C ALA B 239 -19.05 -4.12 12.70
N LEU B 240 -19.37 -3.48 11.57
CA LEU B 240 -18.70 -3.84 10.30
C LEU B 240 -17.22 -3.47 10.40
N ASP B 241 -16.90 -2.33 11.00
CA ASP B 241 -15.49 -1.94 11.13
C ASP B 241 -14.72 -2.99 11.92
N GLY B 242 -15.30 -3.50 13.00
CA GLY B 242 -14.64 -4.55 13.75
C GLY B 242 -14.55 -5.85 12.97
N ILE B 243 -15.62 -6.19 12.25
CA ILE B 243 -15.63 -7.43 11.47
C ILE B 243 -14.58 -7.40 10.37
N PHE B 244 -14.48 -6.29 9.64
CA PHE B 244 -13.64 -6.20 8.46
C PHE B 244 -12.29 -5.57 8.72
N SER B 245 -12.26 -4.37 9.30
CA SER B 245 -11.00 -3.61 9.44
C SER B 245 -10.05 -4.21 10.44
N PHE B 246 -10.29 -5.39 10.99
CA PHE B 246 -9.37 -6.01 11.94
C PHE B 246 -8.74 -7.28 11.39
N SER B 247 -9.53 -8.21 10.88
CA SER B 247 -9.04 -9.52 10.48
C SER B 247 -9.51 -9.87 9.08
N LEU B 248 -8.80 -10.79 8.45
CA LEU B 248 -9.12 -11.29 7.12
C LEU B 248 -10.11 -12.44 7.15
N LEU B 249 -10.63 -12.79 8.33
CA LEU B 249 -11.53 -13.94 8.43
C LEU B 249 -12.79 -13.81 7.58
N PRO B 250 -13.48 -12.66 7.54
CA PRO B 250 -14.61 -12.56 6.60
C PRO B 250 -14.22 -12.75 5.15
N LEU B 251 -13.04 -12.28 4.76
CA LEU B 251 -12.60 -12.43 3.38
C LEU B 251 -12.10 -13.85 3.09
N LYS B 252 -11.61 -14.55 4.11
CA LYS B 252 -11.12 -15.91 3.92
C LYS B 252 -12.23 -16.95 3.99
N VAL B 253 -13.28 -16.71 4.77
CA VAL B 253 -14.42 -17.61 4.79
C VAL B 253 -15.11 -17.58 3.42
N TRP B 254 -15.31 -16.39 2.87
CA TRP B 254 -15.60 -16.29 1.45
C TRP B 254 -14.31 -16.45 0.66
N THR B 255 -14.45 -16.52 -0.67
CA THR B 255 -13.35 -16.85 -1.57
C THR B 255 -12.96 -18.32 -1.36
N TYR B 256 -13.52 -18.92 -0.30
CA TYR B 256 -13.57 -20.37 -0.11
C TYR B 256 -14.94 -20.91 -0.49
N LEU B 257 -15.99 -20.42 0.18
CA LEU B 257 -17.35 -20.78 -0.22
C LEU B 257 -17.61 -20.41 -1.67
N GLY B 258 -17.16 -19.23 -2.09
CA GLY B 258 -17.24 -18.88 -3.50
C GLY B 258 -16.45 -19.83 -4.38
N SER B 259 -15.33 -20.33 -3.90
CA SER B 259 -14.54 -21.28 -4.68
C SER B 259 -15.25 -22.63 -4.80
N ILE B 260 -15.90 -23.09 -3.72
CA ILE B 260 -16.70 -24.31 -3.83
C ILE B 260 -17.86 -24.10 -4.81
N ILE B 261 -18.49 -22.92 -4.76
CA ILE B 261 -19.58 -22.65 -5.70
C ILE B 261 -19.07 -22.65 -7.13
N SER B 262 -17.90 -22.06 -7.35
CA SER B 262 -17.30 -22.06 -8.69
C SER B 262 -16.98 -23.47 -9.16
N LEU B 263 -16.40 -24.29 -8.27
CA LEU B 263 -16.08 -25.66 -8.64
C LEU B 263 -17.32 -26.45 -8.97
N LEU B 264 -18.39 -26.28 -8.18
CA LEU B 264 -19.65 -26.94 -8.48
C LEU B 264 -20.22 -26.47 -9.82
N SER B 265 -20.13 -25.17 -10.10
CA SER B 265 -20.64 -24.67 -11.38
C SER B 265 -19.87 -25.27 -12.55
N LEU B 266 -18.55 -25.33 -12.44
CA LEU B 266 -17.74 -25.90 -13.52
C LEU B 266 -18.02 -27.40 -13.69
N ALA B 267 -18.10 -28.14 -12.58
CA ALA B 267 -18.36 -29.57 -12.66
C ALA B 267 -19.75 -29.84 -13.24
N TYR B 268 -20.74 -29.05 -12.85
CA TYR B 268 -22.09 -29.26 -13.34
C TYR B 268 -22.21 -28.86 -14.81
N ALA B 269 -21.46 -27.85 -15.24
CA ALA B 269 -21.39 -27.52 -16.66
C ALA B 269 -20.76 -28.67 -17.45
N SER B 270 -19.69 -29.27 -16.91
CA SER B 270 -19.12 -30.46 -17.53
C SER B 270 -20.17 -31.57 -17.61
N PHE B 271 -21.01 -31.67 -16.58
CA PHE B 271 -22.07 -32.68 -16.59
C PHE B 271 -23.08 -32.42 -17.71
N LEU B 272 -23.46 -31.16 -17.93
CA LEU B 272 -24.34 -30.87 -19.07
C LEU B 272 -23.65 -31.17 -20.39
N ILE B 273 -22.35 -30.91 -20.49
CA ILE B 273 -21.64 -31.20 -21.74
C ILE B 273 -21.69 -32.70 -22.01
N LEU B 274 -21.38 -33.51 -21.00
CA LEU B 274 -21.41 -34.96 -21.16
C LEU B 274 -22.82 -35.49 -21.34
N LYS B 275 -23.83 -34.82 -20.81
CA LYS B 275 -25.21 -35.21 -21.03
C LYS B 275 -25.70 -34.82 -22.42
N THR B 276 -25.16 -33.76 -23.00
CA THR B 276 -25.56 -33.32 -24.32
C THR B 276 -24.85 -34.06 -25.43
N ILE B 277 -23.64 -34.59 -25.18
CA ILE B 277 -23.00 -35.43 -26.19
C ILE B 277 -23.50 -36.86 -26.17
N THR B 278 -24.16 -37.28 -25.10
CA THR B 278 -24.74 -38.61 -24.99
C THR B 278 -26.26 -38.50 -25.03
N LEU B 279 -26.89 -39.29 -25.89
CA LEU B 279 -28.34 -39.27 -26.07
C LEU B 279 -28.81 -37.93 -26.61
N GLY B 280 -27.89 -37.14 -27.15
CA GLY B 280 -28.24 -35.87 -27.76
C GLY B 280 -28.79 -34.86 -26.78
N VAL B 281 -29.72 -34.03 -27.25
CA VAL B 281 -30.34 -33.02 -26.41
C VAL B 281 -31.85 -33.18 -26.46
N ASP B 282 -32.41 -33.94 -25.52
CA ASP B 282 -33.86 -34.16 -25.48
C ASP B 282 -34.58 -32.94 -24.92
N VAL B 283 -33.89 -32.16 -24.09
CA VAL B 283 -34.37 -30.87 -23.63
C VAL B 283 -34.46 -29.99 -24.86
N PRO B 284 -35.33 -28.97 -24.91
CA PRO B 284 -35.40 -28.13 -26.11
C PRO B 284 -34.05 -27.51 -26.44
N GLY B 285 -33.77 -27.41 -27.73
CA GLY B 285 -32.42 -27.14 -28.21
C GLY B 285 -31.90 -25.74 -27.96
N TYR B 286 -31.89 -25.31 -26.70
CA TYR B 286 -31.21 -24.08 -26.31
C TYR B 286 -30.55 -24.24 -24.94
N ALA B 287 -30.08 -25.45 -24.64
CA ALA B 287 -29.54 -25.76 -23.32
C ALA B 287 -28.03 -25.55 -23.22
N SER B 288 -27.38 -25.05 -24.28
CA SER B 288 -26.00 -24.61 -24.16
C SER B 288 -25.89 -23.30 -23.42
N LEU B 289 -27.00 -22.56 -23.30
CA LEU B 289 -27.02 -21.35 -22.49
C LEU B 289 -26.65 -21.65 -21.05
N MET B 290 -27.16 -22.76 -20.52
CA MET B 290 -26.81 -23.17 -19.16
C MET B 290 -25.31 -23.43 -19.04
N VAL B 291 -24.73 -24.09 -20.03
CA VAL B 291 -23.30 -24.37 -20.00
C VAL B 291 -22.50 -23.07 -20.00
N ALA B 292 -22.88 -22.13 -20.88
CA ALA B 292 -22.16 -20.86 -20.94
C ALA B 292 -22.29 -20.10 -19.64
N ILE B 293 -23.50 -20.03 -19.08
CA ILE B 293 -23.72 -19.32 -17.82
C ILE B 293 -22.87 -19.91 -16.72
N LEU B 294 -22.93 -21.24 -16.56
CA LEU B 294 -22.21 -21.88 -15.47
C LEU B 294 -20.70 -21.74 -15.64
N PHE B 295 -20.20 -21.94 -16.85
CA PHE B 295 -18.77 -21.85 -17.08
C PHE B 295 -18.25 -20.45 -16.82
N LEU B 296 -18.93 -19.43 -17.36
CA LEU B 296 -18.45 -18.06 -17.20
C LEU B 296 -18.59 -17.61 -15.75
N GLY B 297 -19.67 -18.01 -15.07
CA GLY B 297 -19.79 -17.69 -13.66
C GLY B 297 -18.71 -18.33 -12.82
N GLY B 298 -18.38 -19.59 -13.11
CA GLY B 298 -17.32 -20.26 -12.38
C GLY B 298 -15.96 -19.64 -12.63
N VAL B 299 -15.67 -19.29 -13.88
CA VAL B 299 -14.39 -18.65 -14.19
C VAL B 299 -14.29 -17.29 -13.51
N GLN B 300 -15.36 -16.50 -13.55
CA GLN B 300 -15.35 -15.22 -12.87
C GLN B 300 -15.24 -15.38 -11.37
N LEU B 301 -15.84 -16.43 -10.80
CA LEU B 301 -15.71 -16.67 -9.37
C LEU B 301 -14.30 -17.07 -8.99
N ILE B 302 -13.63 -17.87 -9.83
CA ILE B 302 -12.23 -18.17 -9.58
C ILE B 302 -11.37 -16.91 -9.66
N SER B 303 -11.65 -16.05 -10.64
CA SER B 303 -10.94 -14.79 -10.75
C SER B 303 -11.15 -13.93 -9.51
N LEU B 304 -12.39 -13.86 -9.02
CA LEU B 304 -12.68 -13.08 -7.82
C LEU B 304 -12.02 -13.69 -6.60
N GLY B 305 -11.93 -15.02 -6.53
CA GLY B 305 -11.25 -15.66 -5.42
C GLY B 305 -9.77 -15.36 -5.40
N VAL B 306 -9.11 -15.42 -6.57
CA VAL B 306 -7.70 -15.07 -6.65
C VAL B 306 -7.50 -13.60 -6.29
N ILE B 307 -8.37 -12.73 -6.80
CA ILE B 307 -8.29 -11.31 -6.48
C ILE B 307 -8.45 -11.09 -4.98
N GLY B 308 -9.39 -11.80 -4.36
CA GLY B 308 -9.59 -11.65 -2.92
C GLY B 308 -8.41 -12.15 -2.11
N GLU B 309 -7.80 -13.25 -2.53
CA GLU B 309 -6.62 -13.76 -1.83
C GLU B 309 -5.48 -12.77 -1.91
N TYR B 310 -5.22 -12.23 -3.10
CA TYR B 310 -4.13 -11.26 -3.23
C TYR B 310 -4.47 -9.94 -2.55
N LEU B 311 -5.75 -9.57 -2.51
CA LEU B 311 -6.15 -8.38 -1.79
C LEU B 311 -5.96 -8.56 -0.29
N GLY B 312 -6.23 -9.76 0.22
CA GLY B 312 -5.93 -10.03 1.62
C GLY B 312 -4.45 -9.99 1.92
N ARG B 313 -3.63 -10.49 0.99
CA ARG B 313 -2.19 -10.38 1.16
C ARG B 313 -1.74 -8.92 1.18
N VAL B 314 -2.31 -8.11 0.28
CA VAL B 314 -1.99 -6.68 0.25
C VAL B 314 -2.45 -6.00 1.53
N TYR B 315 -3.61 -6.40 2.05
CA TYR B 315 -4.12 -5.84 3.30
C TYR B 315 -3.19 -6.16 4.46
N GLU B 316 -2.71 -7.40 4.53
CA GLU B 316 -1.76 -7.78 5.57
C GLU B 316 -0.46 -6.99 5.42
N GLU B 317 0.01 -6.82 4.18
CA GLU B 317 1.25 -6.07 3.95
C GLU B 317 1.10 -4.62 4.36
N VAL B 318 -0.04 -4.00 4.06
CA VAL B 318 -0.21 -2.58 4.29
C VAL B 318 -0.64 -2.24 5.71
N LYS B 319 -1.22 -3.19 6.45
CA LYS B 319 -1.49 -2.93 7.86
C LYS B 319 -0.22 -2.72 8.65
N ALA B 320 0.89 -3.30 8.19
CA ALA B 320 2.23 -3.07 8.74
C ALA B 320 2.32 -3.43 10.22
N ARG B 321 1.56 -4.44 10.63
CA ARG B 321 1.68 -4.93 11.99
C ARG B 321 3.04 -5.60 12.16
N PRO B 322 3.71 -5.37 13.29
CA PRO B 322 5.01 -6.02 13.51
C PRO B 322 4.86 -7.54 13.52
N LEU B 323 5.89 -8.24 13.09
CA LEU B 323 5.80 -9.72 13.03
C LEU B 323 5.59 -10.25 14.45
N TYR B 324 6.44 -9.84 15.39
CA TYR B 324 6.39 -10.33 16.75
C TYR B 324 6.35 -9.14 17.71
N LEU B 325 6.11 -9.45 18.99
CA LEU B 325 6.20 -8.46 20.05
C LEU B 325 6.97 -9.07 21.21
N VAL B 326 8.00 -8.37 21.66
CA VAL B 326 8.87 -8.83 22.73
C VAL B 326 8.37 -8.25 24.04
N SER B 327 8.05 -9.12 25.00
CA SER B 327 7.59 -8.65 26.32
C SER B 327 8.80 -8.47 27.24
N ASP B 328 9.63 -9.50 27.39
CA ASP B 328 10.77 -9.45 28.27
C ASP B 328 12.01 -9.94 27.53
N LEU B 329 13.17 -9.46 27.98
CA LEU B 329 14.46 -9.88 27.43
C LEU B 329 15.40 -10.22 28.58
N TRP B 330 16.26 -11.21 28.35
CA TRP B 330 17.25 -11.62 29.33
C TRP B 330 18.58 -11.81 28.64
N GLY B 331 19.57 -11.00 29.00
CA GLY B 331 20.86 -11.04 28.36
C GLY B 331 20.94 -10.27 27.05
N LEU B 332 19.87 -9.61 26.64
CA LEU B 332 19.85 -8.85 25.39
C LEU B 332 19.23 -7.49 25.63
N GLU B 333 19.57 -6.54 24.77
CA GLU B 333 19.05 -5.19 24.82
C GLU B 333 17.98 -5.02 23.75
N TYR B 334 16.94 -4.25 24.07
CA TYR B 334 15.84 -4.07 23.14
C TYR B 334 16.32 -3.41 21.87
N LEU B 335 15.86 -3.94 20.73
CA LEU B 335 16.23 -3.38 19.45
C LEU B 335 15.58 -2.01 19.26
N PRO B 336 16.24 -1.10 18.53
CA PRO B 336 15.72 0.24 18.24
C PRO B 336 14.32 0.23 17.64
N THR C 25 33.68 -10.84 19.92
CA THR C 25 32.49 -10.94 19.09
C THR C 25 31.81 -12.28 19.28
N ILE C 26 30.66 -12.45 18.63
CA ILE C 26 29.90 -13.70 18.66
C ILE C 26 30.02 -14.34 17.28
N GLU C 27 30.56 -15.56 17.24
CA GLU C 27 30.77 -16.26 15.97
C GLU C 27 29.54 -17.06 15.55
N LEU C 28 28.89 -17.73 16.50
CA LEU C 28 27.73 -18.56 16.20
C LEU C 28 26.56 -18.12 17.07
N SER C 29 25.36 -18.27 16.52
CA SER C 29 24.13 -17.94 17.25
C SER C 29 23.11 -19.05 17.00
N ILE C 30 22.95 -19.94 17.95
CA ILE C 30 21.96 -21.02 17.86
C ILE C 30 20.63 -20.46 18.34
N VAL C 31 19.64 -20.43 17.47
CA VAL C 31 18.33 -19.85 17.76
C VAL C 31 17.34 -20.98 17.97
N ILE C 32 16.74 -21.03 19.15
CA ILE C 32 15.81 -22.10 19.52
C ILE C 32 14.43 -21.54 19.81
N PRO C 33 13.45 -21.69 18.92
CA PRO C 33 12.06 -21.36 19.29
C PRO C 33 11.49 -22.42 20.21
N MET C 34 10.84 -21.98 21.27
CA MET C 34 10.40 -22.88 22.33
C MET C 34 8.97 -22.55 22.73
N TYR C 35 8.11 -23.57 22.70
CA TYR C 35 6.73 -23.43 23.17
C TYR C 35 6.32 -24.73 23.81
N ASN C 36 6.05 -24.69 25.11
CA ASN C 36 5.73 -25.88 25.90
C ASN C 36 6.85 -26.91 25.76
N GLU C 37 8.08 -26.45 25.96
CA GLU C 37 9.27 -27.27 25.73
C GLU C 37 9.97 -27.70 27.01
N GLU C 38 9.30 -27.58 28.15
CA GLU C 38 9.87 -28.11 29.38
C GLU C 38 9.99 -29.63 29.29
N ASP C 39 10.85 -30.18 30.15
CA ASP C 39 11.32 -31.57 30.14
C ASP C 39 12.27 -31.85 28.99
N ASN C 40 12.54 -30.86 28.13
CA ASN C 40 13.53 -30.99 27.08
C ASN C 40 14.71 -30.05 27.28
N LEU C 41 14.66 -29.18 28.28
CA LEU C 41 15.69 -28.16 28.46
C LEU C 41 17.04 -28.80 28.78
N GLU C 42 17.05 -29.74 29.74
CA GLU C 42 18.31 -30.30 30.22
C GLU C 42 19.04 -31.07 29.13
N HIS C 43 18.33 -31.99 28.46
CA HIS C 43 18.98 -32.80 27.44
C HIS C 43 19.43 -31.95 26.26
N LEU C 44 18.59 -31.01 25.83
CA LEU C 44 18.95 -30.15 24.70
C LEU C 44 20.18 -29.31 25.01
N PHE C 45 20.21 -28.71 26.21
CA PHE C 45 21.37 -27.90 26.56
C PHE C 45 22.61 -28.77 26.73
N ALA C 46 22.47 -29.97 27.28
CA ALA C 46 23.61 -30.87 27.39
C ALA C 46 24.17 -31.21 26.02
N ARG C 47 23.30 -31.52 25.06
CA ARG C 47 23.77 -31.82 23.71
C ARG C 47 24.42 -30.59 23.06
N LEU C 48 23.85 -29.41 23.28
CA LEU C 48 24.40 -28.20 22.67
C LEU C 48 25.78 -27.88 23.22
N LEU C 49 25.95 -27.96 24.55
CA LEU C 49 27.28 -27.78 25.11
C LEU C 49 28.23 -28.89 24.68
N GLU C 50 27.73 -30.11 24.47
CA GLU C 50 28.60 -31.19 24.01
C GLU C 50 29.12 -30.91 22.60
N VAL C 51 28.28 -30.36 21.74
CA VAL C 51 28.68 -30.16 20.35
C VAL C 51 29.31 -28.79 20.08
N LEU C 52 29.16 -27.83 20.99
CA LEU C 52 29.62 -26.47 20.73
C LEU C 52 30.93 -26.11 21.40
N THR C 53 31.38 -26.90 22.38
CA THR C 53 32.70 -26.67 22.96
C THR C 53 33.84 -27.18 22.08
N PRO C 54 33.71 -28.31 21.36
CA PRO C 54 34.80 -28.71 20.46
C PRO C 54 35.07 -27.71 19.35
N LEU C 55 34.08 -26.89 18.96
CA LEU C 55 34.29 -25.91 17.90
C LEU C 55 35.27 -24.82 18.32
N LYS C 56 35.43 -24.58 19.63
CA LYS C 56 36.37 -23.59 20.15
C LYS C 56 36.10 -22.20 19.57
N ILE C 57 34.82 -21.86 19.44
CA ILE C 57 34.41 -20.56 18.92
C ILE C 57 33.45 -19.92 19.92
N THR C 58 33.37 -18.59 19.86
CA THR C 58 32.47 -17.84 20.72
C THR C 58 31.06 -17.92 20.16
N TYR C 59 30.16 -18.56 20.89
CA TYR C 59 28.80 -18.80 20.44
C TYR C 59 27.81 -18.17 21.41
N GLU C 60 26.53 -18.31 21.07
CA GLU C 60 25.44 -17.78 21.87
C GLU C 60 24.19 -18.59 21.55
N ILE C 61 23.30 -18.74 22.53
CA ILE C 61 22.09 -19.53 22.39
C ILE C 61 20.91 -18.60 22.66
N ILE C 62 20.27 -18.13 21.60
CA ILE C 62 19.11 -17.27 21.70
C ILE C 62 17.87 -18.16 21.76
N CYS C 63 17.29 -18.29 22.95
CA CYS C 63 16.10 -19.10 23.15
C CYS C 63 14.89 -18.17 23.16
N VAL C 64 13.97 -18.39 22.23
CA VAL C 64 12.80 -17.54 22.07
C VAL C 64 11.60 -18.29 22.63
N ASN C 65 11.16 -17.90 23.82
CA ASN C 65 9.98 -18.49 24.43
C ASN C 65 8.74 -17.89 23.77
N ASP C 66 7.99 -18.73 23.05
CA ASP C 66 6.83 -18.27 22.29
C ASP C 66 5.54 -18.46 23.10
N GLY C 67 5.47 -17.76 24.23
CA GLY C 67 4.28 -17.77 25.06
C GLY C 67 3.89 -19.14 25.58
N SER C 68 4.86 -19.90 26.10
CA SER C 68 4.56 -21.21 26.65
C SER C 68 3.63 -21.10 27.84
N LYS C 69 2.74 -22.09 27.98
CA LYS C 69 1.76 -22.07 29.06
C LYS C 69 2.24 -22.75 30.32
N ASP C 70 3.24 -23.63 30.13
CA ASP C 70 3.81 -24.42 31.24
C ASP C 70 5.00 -23.71 31.90
N LYS C 71 5.68 -24.42 32.80
CA LYS C 71 6.83 -23.83 33.53
C LYS C 71 8.11 -23.78 32.69
N THR C 72 7.99 -23.34 31.37
CA THR C 72 9.19 -23.36 30.54
C THR C 72 10.07 -22.15 30.82
N LEU C 73 9.46 -20.98 31.02
CA LEU C 73 10.23 -19.76 31.26
C LEU C 73 11.01 -19.84 32.56
N LYS C 74 10.48 -20.52 33.58
CA LYS C 74 11.22 -20.64 34.83
C LYS C 74 12.52 -21.41 34.65
N GLN C 75 12.46 -22.55 33.96
CA GLN C 75 13.68 -23.32 33.69
C GLN C 75 14.61 -22.57 32.76
N LEU C 76 14.06 -21.84 31.79
CA LEU C 76 14.91 -21.01 30.93
C LEU C 76 15.62 -19.94 31.73
N ILE C 77 14.94 -19.34 32.70
CA ILE C 77 15.55 -18.36 33.58
C ILE C 77 16.66 -18.98 34.40
N ASP C 78 16.41 -20.17 34.94
CA ASP C 78 17.45 -20.84 35.73
C ASP C 78 18.68 -21.14 34.88
N CYS C 79 18.46 -21.63 33.66
CA CYS C 79 19.58 -21.92 32.76
C CYS C 79 20.34 -20.65 32.41
N TYR C 80 19.62 -19.54 32.17
CA TYR C 80 20.29 -18.28 31.86
C TYR C 80 21.06 -17.75 33.07
N GLN C 81 20.58 -18.03 34.28
CA GLN C 81 21.35 -17.74 35.48
C GLN C 81 22.66 -18.52 35.47
N SER C 82 22.56 -19.83 35.25
CA SER C 82 23.75 -20.68 35.36
C SER C 82 24.80 -20.36 34.29
N ASN C 83 24.37 -20.15 33.05
CA ASN C 83 25.28 -20.01 31.93
C ASN C 83 25.14 -18.62 31.31
N ARG C 84 26.28 -18.04 30.93
CA ARG C 84 26.34 -16.71 30.36
C ARG C 84 26.15 -16.69 28.85
N GLN C 85 25.84 -17.84 28.24
CA GLN C 85 25.65 -17.92 26.80
C GLN C 85 24.19 -18.01 26.37
N ILE C 86 23.28 -18.36 27.28
CA ILE C 86 21.87 -18.43 26.98
C ILE C 86 21.24 -17.06 27.16
N LYS C 87 20.52 -16.60 26.14
CA LYS C 87 19.81 -15.32 26.17
C LYS C 87 18.37 -15.56 25.77
N ILE C 88 17.44 -15.10 26.60
CA ILE C 88 16.02 -15.39 26.45
C ILE C 88 15.31 -14.22 25.78
N VAL C 89 14.52 -14.51 24.76
CA VAL C 89 13.60 -13.56 24.15
C VAL C 89 12.20 -14.04 24.48
N ASN C 90 11.48 -13.28 25.31
CA ASN C 90 10.15 -13.67 25.77
C ASN C 90 9.10 -12.91 24.96
N LEU C 91 8.44 -13.62 24.05
CA LEU C 91 7.38 -13.01 23.27
C LEU C 91 6.14 -12.78 24.12
N SER C 92 5.42 -11.71 23.81
CA SER C 92 4.22 -11.38 24.57
C SER C 92 3.14 -12.44 24.40
N ARG C 93 2.96 -12.93 23.17
CA ARG C 93 1.92 -13.89 22.85
C ARG C 93 2.55 -15.07 22.12
N ASN C 94 1.77 -16.11 21.92
CA ASN C 94 2.21 -17.25 21.09
C ASN C 94 2.03 -16.86 19.64
N PHE C 95 3.07 -16.27 19.06
CA PHE C 95 3.01 -15.86 17.66
C PHE C 95 3.18 -17.03 16.71
N GLY C 96 3.94 -18.05 17.10
CA GLY C 96 4.17 -19.21 16.26
C GLY C 96 5.65 -19.50 16.10
N LYS C 97 5.91 -20.68 15.54
CA LYS C 97 7.30 -21.11 15.36
C LYS C 97 8.04 -20.20 14.38
N GLU C 98 7.39 -19.87 13.25
CA GLU C 98 8.05 -19.02 12.26
C GLU C 98 8.35 -17.63 12.81
N ILE C 99 7.38 -17.05 13.53
CA ILE C 99 7.55 -15.70 14.05
C ILE C 99 8.56 -15.70 15.20
N ALA C 100 8.54 -16.73 16.06
CA ALA C 100 9.54 -16.84 17.09
C ALA C 100 10.93 -16.99 16.50
N LEU C 101 11.06 -17.77 15.42
CA LEU C 101 12.32 -17.87 14.72
C LEU C 101 12.76 -16.53 14.17
N SER C 102 11.83 -15.77 13.58
CA SER C 102 12.16 -14.45 13.06
C SER C 102 12.67 -13.55 14.17
N ALA C 103 12.02 -13.59 15.34
CA ALA C 103 12.48 -12.81 16.49
C ALA C 103 13.88 -13.22 16.93
N GLY C 104 14.13 -14.53 16.95
CA GLY C 104 15.45 -15.01 17.35
C GLY C 104 16.56 -14.57 16.41
N ILE C 105 16.32 -14.70 15.10
CA ILE C 105 17.29 -14.22 14.12
C ILE C 105 17.47 -12.71 14.25
N ASP C 106 16.38 -11.97 14.51
CA ASP C 106 16.50 -10.52 14.67
C ASP C 106 17.35 -10.16 15.88
N TYR C 107 17.25 -10.93 16.96
CA TYR C 107 18.03 -10.68 18.16
C TYR C 107 19.36 -11.42 18.18
N ALA C 108 19.68 -12.17 17.13
CA ALA C 108 20.96 -12.87 17.04
C ALA C 108 22.02 -11.94 16.46
N GLN C 109 23.21 -11.99 17.05
CA GLN C 109 24.32 -11.12 16.65
C GLN C 109 25.53 -11.89 16.16
N GLY C 110 25.43 -13.21 16.01
CA GLY C 110 26.55 -13.98 15.54
C GLY C 110 26.80 -13.82 14.06
N ASN C 111 28.02 -14.17 13.64
CA ASN C 111 28.35 -14.13 12.22
C ASN C 111 27.56 -15.19 11.44
N ALA C 112 27.26 -16.31 12.08
CA ALA C 112 26.42 -17.35 11.49
C ALA C 112 25.28 -17.64 12.46
N VAL C 113 24.06 -17.73 11.93
CA VAL C 113 22.87 -17.96 12.75
C VAL C 113 22.27 -19.30 12.33
N ILE C 114 22.10 -20.19 13.30
CA ILE C 114 21.59 -21.53 13.05
C ILE C 114 20.26 -21.73 13.79
N PRO C 115 19.13 -21.72 13.09
CA PRO C 115 17.87 -22.10 13.75
C PRO C 115 17.82 -23.60 13.98
N ILE C 116 17.48 -23.98 15.22
CA ILE C 116 17.38 -25.38 15.61
C ILE C 116 16.07 -25.58 16.37
N ASP C 117 15.65 -26.83 16.46
CA ASP C 117 14.40 -27.19 17.11
C ASP C 117 14.65 -27.62 18.55
N ALA C 118 13.67 -27.33 19.42
CA ALA C 118 13.81 -27.64 20.83
C ALA C 118 13.45 -29.07 21.18
N ASP C 119 12.79 -29.81 20.27
CA ASP C 119 12.46 -31.20 20.51
C ASP C 119 13.57 -32.16 20.10
N LEU C 120 14.66 -31.63 19.55
CA LEU C 120 15.85 -32.42 19.18
C LEU C 120 15.56 -33.45 18.10
N GLN C 121 14.49 -33.28 17.33
CA GLN C 121 14.24 -34.18 16.22
C GLN C 121 15.35 -34.07 15.18
N ASP C 122 15.78 -32.86 14.87
CA ASP C 122 16.96 -32.65 14.04
C ASP C 122 18.20 -32.69 14.93
N PRO C 123 19.16 -33.56 14.67
CA PRO C 123 20.29 -33.73 15.60
C PRO C 123 21.12 -32.46 15.69
N PRO C 124 21.59 -32.11 16.89
CA PRO C 124 22.49 -30.95 17.00
C PRO C 124 23.93 -31.27 16.66
N GLU C 125 24.31 -32.54 16.63
CA GLU C 125 25.69 -32.92 16.29
C GLU C 125 26.05 -32.49 14.89
N LEU C 126 25.07 -32.26 14.02
CA LEU C 126 25.33 -31.80 12.66
C LEU C 126 25.71 -30.33 12.61
N ILE C 127 25.51 -29.58 13.70
CA ILE C 127 25.87 -28.17 13.72
C ILE C 127 27.33 -28.00 13.32
N HIS C 128 28.20 -28.78 13.95
CA HIS C 128 29.61 -28.85 13.58
C HIS C 128 29.78 -28.92 12.06
N GLU C 129 29.17 -29.92 11.44
CA GLU C 129 29.30 -30.09 9.99
C GLU C 129 28.83 -28.85 9.26
N LEU C 130 27.69 -28.29 9.67
CA LEU C 130 27.18 -27.07 9.05
C LEU C 130 28.26 -25.98 9.07
N VAL C 131 28.89 -25.80 10.23
CA VAL C 131 29.91 -24.77 10.36
C VAL C 131 31.02 -24.99 9.33
N ASP C 132 31.42 -26.24 9.14
CA ASP C 132 32.46 -26.51 8.15
C ASP C 132 32.03 -26.08 6.76
N LYS C 133 30.79 -26.39 6.39
CA LYS C 133 30.31 -25.97 5.08
C LYS C 133 30.21 -24.45 4.99
N TRP C 134 30.00 -23.78 6.12
CA TRP C 134 30.00 -22.33 6.12
C TRP C 134 31.41 -21.77 5.95
N ARG C 135 32.43 -22.54 6.34
CA ARG C 135 33.80 -22.09 6.21
C ARG C 135 34.44 -22.49 4.89
N GLU C 136 33.72 -23.25 4.06
CA GLU C 136 34.17 -23.55 2.70
C GLU C 136 33.95 -22.40 1.74
N GLY C 137 33.20 -21.38 2.15
CA GLY C 137 32.92 -20.25 1.29
C GLY C 137 31.46 -20.14 0.90
N TYR C 138 30.58 -20.63 1.76
CA TYR C 138 29.13 -20.61 1.51
C TYR C 138 28.46 -19.61 2.44
N ASP C 139 27.22 -19.27 2.10
CA ASP C 139 26.43 -18.31 2.85
C ASP C 139 25.19 -18.91 3.47
N ILE C 140 24.45 -19.73 2.73
CA ILE C 140 23.33 -20.50 3.27
C ILE C 140 23.69 -21.97 3.16
N VAL C 141 23.55 -22.70 4.27
CA VAL C 141 23.80 -24.13 4.31
C VAL C 141 22.54 -24.77 4.87
N TYR C 142 21.68 -25.27 3.99
CA TYR C 142 20.50 -25.98 4.45
C TYR C 142 20.90 -27.32 5.04
N ALA C 143 20.03 -27.84 5.90
CA ALA C 143 20.18 -29.19 6.44
C ALA C 143 19.01 -30.00 5.90
N THR C 144 19.28 -30.83 4.89
CA THR C 144 18.23 -31.58 4.21
C THR C 144 18.21 -33.01 4.72
N ARG C 145 17.02 -33.48 5.09
CA ARG C 145 16.87 -34.85 5.57
C ARG C 145 17.22 -35.84 4.46
N ARG C 146 17.71 -37.01 4.88
CA ARG C 146 18.08 -38.05 3.88
C ARG C 146 16.87 -38.30 2.98
N SER C 147 15.76 -38.72 3.59
CA SER C 147 14.55 -39.00 2.83
C SER C 147 13.36 -38.91 3.79
N ARG C 148 12.22 -38.51 3.25
CA ARG C 148 11.02 -38.31 4.10
C ARG C 148 11.27 -38.90 5.51
N GLN C 149 11.66 -40.18 5.62
CA GLN C 149 11.80 -40.85 6.94
C GLN C 149 10.42 -40.79 7.59
N GLY C 150 9.55 -41.74 7.25
CA GLY C 150 8.16 -41.63 7.72
C GLY C 150 7.43 -40.75 6.72
N GLU C 151 6.17 -40.39 6.99
CA GLU C 151 5.35 -39.62 6.02
C GLU C 151 5.07 -40.56 4.84
N THR C 152 4.02 -41.37 4.94
CA THR C 152 3.68 -42.37 3.91
C THR C 152 3.50 -41.73 2.56
N TRP C 153 3.40 -42.52 1.49
CA TRP C 153 3.09 -41.96 0.17
C TRP C 153 2.19 -40.73 0.31
N VAL C 154 1.07 -40.82 1.02
CA VAL C 154 0.12 -39.66 1.06
C VAL C 154 0.90 -38.34 1.17
N LYS C 155 2.02 -38.34 1.89
CA LYS C 155 2.78 -37.07 2.10
C LYS C 155 3.92 -36.93 1.08
N GLN C 156 4.60 -38.03 0.74
CA GLN C 156 5.74 -37.86 -0.15
C GLN C 156 5.33 -37.28 -1.50
N PHE C 157 4.24 -37.76 -2.07
CA PHE C 157 3.77 -37.24 -3.35
C PHE C 157 3.30 -35.79 -3.25
N THR C 158 2.59 -35.44 -2.17
CA THR C 158 2.18 -34.04 -1.99
C THR C 158 3.38 -33.13 -1.82
N ALA C 159 4.37 -33.55 -1.04
CA ALA C 159 5.58 -32.76 -0.89
C ALA C 159 6.30 -32.61 -2.22
N LYS C 160 6.34 -33.68 -3.02
CA LYS C 160 6.95 -33.61 -4.34
C LYS C 160 6.25 -32.60 -5.22
N MET C 161 4.91 -32.63 -5.25
CA MET C 161 4.16 -31.72 -6.10
C MET C 161 4.37 -30.26 -5.66
N PHE C 162 4.31 -30.02 -4.34
CA PHE C 162 4.52 -28.66 -3.85
C PHE C 162 5.92 -28.17 -4.17
N TYR C 163 6.93 -29.05 -4.01
CA TYR C 163 8.31 -28.66 -4.29
C TYR C 163 8.51 -28.35 -5.76
N LYS C 164 7.91 -29.15 -6.64
CA LYS C 164 8.00 -28.86 -8.07
C LYS C 164 7.35 -27.52 -8.41
N VAL C 165 6.18 -27.26 -7.82
CA VAL C 165 5.48 -26.01 -8.09
C VAL C 165 6.31 -24.82 -7.65
N ILE C 166 6.82 -24.86 -6.41
CA ILE C 166 7.59 -23.72 -5.92
C ILE C 166 8.91 -23.58 -6.68
N GLY C 167 9.52 -24.69 -7.07
CA GLY C 167 10.74 -24.60 -7.86
C GLY C 167 10.49 -23.96 -9.21
N ARG C 168 9.32 -24.21 -9.79
CA ARG C 168 8.95 -23.49 -11.01
C ARG C 168 8.65 -22.02 -10.71
N MET C 169 8.18 -21.71 -9.49
CA MET C 169 7.90 -20.32 -9.13
C MET C 169 9.17 -19.48 -9.06
N THR C 170 10.23 -20.03 -8.48
CA THR C 170 11.47 -19.29 -8.26
C THR C 170 12.52 -19.67 -9.31
N GLU C 171 13.57 -18.85 -9.37
CA GLU C 171 14.65 -19.04 -10.33
C GLU C 171 15.94 -19.48 -9.65
N ILE C 172 15.85 -20.01 -8.43
CA ILE C 172 17.03 -20.38 -7.65
C ILE C 172 17.03 -21.85 -7.23
N LYS C 173 15.88 -22.53 -7.27
CA LYS C 173 15.79 -23.98 -7.06
C LYS C 173 16.33 -24.38 -5.68
N ILE C 174 15.58 -23.97 -4.66
CA ILE C 174 15.92 -24.36 -3.28
C ILE C 174 15.91 -25.88 -3.19
N PRO C 175 16.78 -26.49 -2.38
CA PRO C 175 16.86 -27.96 -2.38
C PRO C 175 15.59 -28.58 -1.83
N PRO C 176 15.26 -29.80 -2.25
CA PRO C 176 14.09 -30.48 -1.68
C PRO C 176 14.36 -30.94 -0.26
N ASN C 177 13.27 -31.20 0.46
CA ASN C 177 13.31 -31.70 1.84
C ASN C 177 14.05 -30.74 2.76
N THR C 178 13.87 -29.43 2.53
CA THR C 178 14.45 -28.41 3.39
C THR C 178 13.46 -28.04 4.50
N GLY C 179 13.98 -27.80 5.68
CA GLY C 179 13.19 -27.43 6.84
C GLY C 179 13.68 -26.13 7.43
N ASP C 180 13.55 -26.02 8.75
CA ASP C 180 13.98 -24.84 9.48
C ASP C 180 15.32 -25.02 10.17
N PHE C 181 16.01 -26.13 9.93
CA PHE C 181 17.37 -26.33 10.40
C PHE C 181 18.32 -25.92 9.30
N ARG C 182 19.12 -24.88 9.53
CA ARG C 182 19.97 -24.32 8.49
C ARG C 182 21.01 -23.43 9.14
N LEU C 183 21.97 -23.01 8.33
CA LEU C 183 22.97 -22.03 8.71
C LEU C 183 22.87 -20.85 7.76
N MET C 184 22.82 -19.64 8.32
CA MET C 184 22.78 -18.42 7.54
C MET C 184 23.96 -17.54 7.95
N ASP C 185 24.68 -17.02 6.97
CA ASP C 185 25.75 -16.08 7.24
C ASP C 185 25.15 -14.72 7.61
N ARG C 186 26.01 -13.84 8.16
CA ARG C 186 25.54 -12.50 8.53
C ARG C 186 25.02 -11.75 7.32
N LYS C 187 25.60 -11.98 6.14
CA LYS C 187 25.06 -11.39 4.91
C LYS C 187 23.64 -11.88 4.65
N VAL C 188 23.40 -13.18 4.81
CA VAL C 188 22.08 -13.74 4.58
C VAL C 188 21.09 -13.20 5.60
N VAL C 189 21.49 -13.12 6.86
CA VAL C 189 20.61 -12.60 7.91
C VAL C 189 20.27 -11.14 7.65
N ASN C 190 21.27 -10.34 7.26
CA ASN C 190 21.01 -8.94 6.97
C ASN C 190 20.11 -8.78 5.76
N ALA C 191 20.28 -9.63 4.75
CA ALA C 191 19.40 -9.58 3.58
C ALA C 191 17.98 -9.95 3.96
N ILE C 192 17.81 -10.96 4.81
CA ILE C 192 16.47 -11.36 5.23
C ILE C 192 15.82 -10.24 6.04
N LYS C 193 16.57 -9.60 6.93
CA LYS C 193 16.05 -8.45 7.67
C LYS C 193 15.78 -7.27 6.76
N GLN C 194 16.33 -7.26 5.55
CA GLN C 194 16.12 -6.19 4.59
C GLN C 194 14.78 -6.31 3.86
N LEU C 195 14.03 -7.39 4.10
CA LEU C 195 12.74 -7.57 3.46
C LEU C 195 11.64 -7.22 4.44
N PRO C 196 10.98 -6.07 4.29
CA PRO C 196 9.87 -5.70 5.20
C PRO C 196 8.54 -6.27 4.71
N GLU C 197 8.34 -7.57 4.97
CA GLU C 197 7.16 -8.29 4.54
C GLU C 197 6.44 -8.88 5.74
N ARG C 198 5.12 -8.77 5.74
CA ARG C 198 4.28 -9.46 6.71
C ARG C 198 3.76 -10.79 6.20
N THR C 199 3.46 -10.87 4.90
CA THR C 199 3.11 -12.13 4.26
C THR C 199 4.40 -12.79 3.79
N ARG C 200 4.88 -13.75 4.58
CA ARG C 200 6.22 -14.31 4.39
C ARG C 200 6.11 -15.80 4.06
N PHE C 201 6.83 -16.21 3.01
CA PHE C 201 7.08 -17.61 2.71
C PHE C 201 8.58 -17.82 2.83
N MET C 202 9.01 -18.49 3.90
CA MET C 202 10.43 -18.50 4.24
C MET C 202 11.27 -19.17 3.16
N LYS C 203 10.78 -20.30 2.62
CA LYS C 203 11.53 -20.97 1.56
C LYS C 203 11.69 -20.07 0.34
N GLY C 204 10.61 -19.41 -0.06
CA GLY C 204 10.67 -18.53 -1.22
C GLY C 204 11.57 -17.34 -1.00
N LEU C 205 11.55 -16.76 0.20
CA LEU C 205 12.42 -15.63 0.49
C LEU C 205 13.88 -16.06 0.55
N PHE C 206 14.16 -17.23 1.10
CA PHE C 206 15.53 -17.72 1.15
C PHE C 206 16.07 -18.01 -0.24
N ALA C 207 15.22 -18.54 -1.13
CA ALA C 207 15.63 -18.69 -2.52
C ALA C 207 15.84 -17.33 -3.17
N TRP C 208 14.93 -16.38 -2.92
CA TRP C 208 14.94 -15.09 -3.59
C TRP C 208 16.19 -14.29 -3.31
N VAL C 209 16.92 -14.57 -2.22
CA VAL C 209 18.21 -13.85 -1.94
C VAL C 209 19.36 -14.47 -2.77
N GLY C 210 19.39 -15.79 -2.98
CA GLY C 210 20.36 -16.44 -3.89
C GLY C 210 21.85 -16.27 -3.67
N TYR C 211 22.38 -16.31 -2.44
CA TYR C 211 23.87 -16.26 -2.25
C TYR C 211 24.53 -17.63 -2.57
N ARG C 212 25.81 -17.83 -2.21
CA ARG C 212 26.48 -19.11 -2.38
C ARG C 212 25.86 -20.12 -1.44
N GLN C 213 24.88 -20.88 -1.91
CA GLN C 213 24.10 -21.79 -1.09
C GLN C 213 24.54 -23.23 -1.29
N THR C 214 24.24 -24.05 -0.29
CA THR C 214 24.52 -25.48 -0.35
C THR C 214 23.59 -26.18 0.64
N PHE C 215 23.72 -27.50 0.71
CA PHE C 215 22.89 -28.31 1.59
C PHE C 215 23.68 -29.51 2.07
N VAL C 216 23.44 -29.89 3.32
CA VAL C 216 24.11 -31.02 3.96
C VAL C 216 23.06 -32.11 4.18
N LEU C 217 23.37 -33.32 3.70
CA LEU C 217 22.45 -34.44 3.82
C LEU C 217 22.61 -35.06 5.21
N PHE C 218 21.58 -34.93 6.04
CA PHE C 218 21.55 -35.56 7.34
C PHE C 218 20.36 -36.51 7.41
N ASP C 219 20.53 -37.62 8.12
CA ASP C 219 19.48 -38.60 8.30
C ASP C 219 18.89 -38.41 9.70
N ARG C 220 17.58 -38.20 9.76
CA ARG C 220 16.92 -38.07 11.04
C ARG C 220 16.99 -39.39 11.80
N GLU C 221 17.17 -39.30 13.11
CA GLU C 221 17.39 -40.48 13.93
C GLU C 221 16.15 -41.36 13.91
N PRO C 222 16.32 -42.68 14.15
CA PRO C 222 15.18 -43.61 14.04
C PRO C 222 14.06 -43.34 15.02
N ARG C 223 14.24 -42.43 15.97
CA ARG C 223 13.14 -42.07 16.91
C ARG C 223 11.93 -41.59 16.09
N TRP C 230 -0.72 -33.74 11.19
CA TRP C 230 -0.62 -32.38 10.62
C TRP C 230 -1.84 -32.09 9.76
N ASN C 231 -2.71 -33.08 9.53
CA ASN C 231 -3.98 -32.92 8.74
C ASN C 231 -3.76 -32.28 7.37
N TYR C 232 -4.82 -31.76 6.79
CA TYR C 232 -4.68 -30.95 5.54
C TYR C 232 -5.44 -29.67 5.88
N TRP C 233 -5.41 -29.29 7.15
CA TRP C 233 -6.00 -27.99 7.53
C TRP C 233 -4.83 -27.11 7.95
N LYS C 234 -3.87 -27.68 8.68
CA LYS C 234 -2.69 -26.84 9.00
C LYS C 234 -1.78 -26.83 7.76
N LEU C 235 -1.87 -27.87 6.93
CA LEU C 235 -1.02 -27.98 5.73
C LEU C 235 -1.60 -27.12 4.59
N TRP C 236 -2.85 -27.36 4.18
CA TRP C 236 -3.40 -26.62 3.05
C TRP C 236 -3.23 -25.11 3.23
N ASN C 237 -3.40 -24.63 4.46
CA ASN C 237 -3.17 -23.21 4.73
C ASN C 237 -1.72 -22.82 4.48
N PHE C 238 -0.78 -23.66 4.90
CA PHE C 238 0.62 -23.39 4.63
C PHE C 238 0.91 -23.39 3.13
N ALA C 239 0.30 -24.33 2.40
CA ALA C 239 0.48 -24.38 0.95
C ALA C 239 -0.05 -23.12 0.29
N LEU C 240 -1.23 -22.65 0.72
CA LEU C 240 -1.78 -21.42 0.17
C LEU C 240 -0.92 -20.21 0.52
N ASP C 241 -0.38 -20.18 1.73
CA ASP C 241 0.52 -19.09 2.10
C ASP C 241 1.77 -19.09 1.23
N GLY C 242 2.32 -20.28 0.95
CA GLY C 242 3.48 -20.34 0.07
C GLY C 242 3.15 -19.94 -1.36
N ILE C 243 1.99 -20.35 -1.86
CA ILE C 243 1.62 -20.07 -3.24
C ILE C 243 1.32 -18.58 -3.43
N PHE C 244 0.59 -17.98 -2.51
CA PHE C 244 0.08 -16.63 -2.69
C PHE C 244 0.98 -15.54 -2.11
N SER C 245 1.66 -15.81 -1.00
CA SER C 245 2.43 -14.79 -0.30
C SER C 245 3.87 -14.69 -0.77
N PHE C 246 4.26 -15.43 -1.81
CA PHE C 246 5.61 -15.39 -2.32
C PHE C 246 5.71 -14.78 -3.71
N SER C 247 4.93 -15.28 -4.67
CA SER C 247 5.05 -14.85 -6.05
C SER C 247 3.68 -14.54 -6.63
N LEU C 248 3.69 -13.80 -7.75
CA LEU C 248 2.48 -13.49 -8.50
C LEU C 248 2.08 -14.58 -9.48
N LEU C 249 2.80 -15.71 -9.49
CA LEU C 249 2.56 -16.72 -10.52
C LEU C 249 1.14 -17.25 -10.55
N PRO C 250 0.47 -17.52 -9.42
CA PRO C 250 -0.97 -17.81 -9.52
C PRO C 250 -1.78 -16.66 -10.07
N LEU C 251 -1.38 -15.41 -9.81
CA LEU C 251 -2.08 -14.25 -10.35
C LEU C 251 -1.70 -13.96 -11.79
N LYS C 252 -0.58 -14.51 -12.28
CA LYS C 252 -0.22 -14.33 -13.68
C LYS C 252 -0.76 -15.44 -14.56
N VAL C 253 -0.74 -16.69 -14.07
CA VAL C 253 -1.35 -17.79 -14.82
C VAL C 253 -2.84 -17.55 -14.98
N TRP C 254 -3.51 -17.17 -13.89
CA TRP C 254 -4.83 -16.59 -14.03
C TRP C 254 -4.69 -15.17 -14.57
N THR C 255 -5.79 -14.65 -15.12
CA THR C 255 -5.80 -13.44 -15.93
C THR C 255 -4.98 -13.64 -17.20
N TYR C 256 -4.39 -14.82 -17.35
CA TYR C 256 -3.95 -15.36 -18.62
C TYR C 256 -4.81 -16.51 -19.07
N LEU C 257 -5.32 -17.32 -18.23
CA LEU C 257 -6.32 -18.33 -18.63
C LEU C 257 -7.58 -17.49 -18.90
N GLY C 258 -7.98 -16.62 -17.88
CA GLY C 258 -9.00 -15.65 -18.26
C GLY C 258 -8.29 -14.75 -19.24
N SER C 259 -8.94 -14.21 -20.27
CA SER C 259 -8.28 -13.44 -21.37
C SER C 259 -7.84 -14.44 -22.45
N ILE C 260 -8.00 -15.74 -22.21
CA ILE C 260 -7.83 -16.75 -23.29
C ILE C 260 -9.31 -16.99 -23.48
N ILE C 261 -10.04 -17.32 -22.45
CA ILE C 261 -11.52 -17.32 -22.59
C ILE C 261 -11.85 -15.81 -22.58
N SER C 262 -13.10 -15.43 -22.50
CA SER C 262 -13.43 -13.98 -22.67
C SER C 262 -13.11 -13.59 -24.12
N LEU C 263 -11.85 -13.74 -24.55
CA LEU C 263 -11.56 -13.51 -25.98
C LEU C 263 -12.25 -14.63 -26.77
N LEU C 264 -12.20 -15.87 -26.26
CA LEU C 264 -12.91 -17.02 -26.88
C LEU C 264 -14.41 -16.92 -26.66
N SER C 265 -14.87 -16.07 -25.74
CA SER C 265 -16.28 -15.79 -25.53
C SER C 265 -16.75 -14.57 -26.29
N LEU C 266 -15.93 -13.51 -26.35
CA LEU C 266 -16.21 -12.43 -27.28
C LEU C 266 -16.12 -12.92 -28.72
N ALA C 267 -15.09 -13.70 -29.01
CA ALA C 267 -15.14 -14.56 -30.19
C ALA C 267 -16.19 -15.65 -29.96
N TYR C 268 -16.80 -16.08 -31.05
CA TYR C 268 -17.97 -16.96 -31.08
C TYR C 268 -19.21 -16.20 -30.64
N ALA C 269 -19.06 -15.11 -29.88
CA ALA C 269 -20.23 -14.24 -29.64
C ALA C 269 -20.39 -13.45 -30.93
N SER C 270 -19.27 -12.98 -31.48
CA SER C 270 -19.29 -12.28 -32.78
C SER C 270 -19.70 -13.28 -33.86
N PHE C 271 -19.16 -14.49 -33.80
CA PHE C 271 -19.58 -15.53 -34.74
C PHE C 271 -21.09 -15.73 -34.69
N LEU C 272 -21.68 -15.72 -33.49
CA LEU C 272 -23.12 -15.82 -33.39
C LEU C 272 -23.82 -14.61 -33.97
N ILE C 273 -23.22 -13.41 -33.82
CA ILE C 273 -23.78 -12.22 -34.44
C ILE C 273 -23.78 -12.36 -35.95
N LEU C 274 -22.66 -12.81 -36.52
CA LEU C 274 -22.52 -12.96 -37.96
C LEU C 274 -23.17 -14.24 -38.50
N LYS C 275 -23.69 -15.10 -37.63
CA LYS C 275 -24.47 -16.26 -38.04
C LYS C 275 -25.96 -16.00 -37.94
N THR C 276 -26.34 -15.04 -37.11
CA THR C 276 -27.77 -14.66 -37.14
C THR C 276 -27.91 -13.68 -38.27
N ILE C 277 -26.96 -12.75 -38.42
CA ILE C 277 -27.16 -11.70 -39.47
C ILE C 277 -27.19 -12.39 -40.84
N THR C 278 -26.26 -13.32 -41.10
CA THR C 278 -26.40 -14.09 -42.36
C THR C 278 -27.15 -15.30 -41.90
N LEU C 279 -27.40 -16.35 -42.57
CA LEU C 279 -28.09 -17.52 -41.96
C LEU C 279 -29.23 -17.08 -41.02
N GLY C 280 -30.30 -16.36 -41.64
CA GLY C 280 -31.44 -15.93 -40.79
C GLY C 280 -31.79 -16.78 -39.58
N VAL C 281 -32.13 -16.15 -38.45
CA VAL C 281 -32.38 -16.89 -37.22
C VAL C 281 -33.72 -17.63 -37.29
N ASP C 282 -33.67 -18.88 -37.75
CA ASP C 282 -34.81 -19.78 -37.70
C ASP C 282 -34.78 -20.68 -36.47
N VAL C 283 -33.75 -20.54 -35.64
CA VAL C 283 -33.60 -21.28 -34.39
C VAL C 283 -34.50 -20.63 -33.35
N PRO C 284 -34.55 -21.12 -32.09
CA PRO C 284 -35.32 -20.42 -31.05
C PRO C 284 -35.15 -18.91 -31.06
N GLY C 285 -36.20 -18.19 -30.66
CA GLY C 285 -36.28 -16.76 -30.84
C GLY C 285 -35.38 -15.92 -29.96
N TYR C 286 -34.78 -16.48 -28.92
CA TYR C 286 -33.94 -15.73 -27.99
C TYR C 286 -32.53 -16.28 -27.97
N ALA C 287 -31.95 -16.54 -29.15
CA ALA C 287 -30.55 -16.96 -29.21
C ALA C 287 -29.61 -15.81 -28.85
N SER C 288 -30.05 -14.57 -29.04
CA SER C 288 -29.24 -13.42 -28.67
C SER C 288 -28.87 -13.44 -27.19
N LEU C 289 -29.61 -14.07 -26.35
CA LEU C 289 -29.26 -14.20 -24.91
C LEU C 289 -27.85 -14.78 -24.79
N MET C 290 -27.57 -15.86 -25.62
CA MET C 290 -26.23 -16.42 -25.59
C MET C 290 -25.19 -15.33 -25.77
N VAL C 291 -25.38 -14.47 -26.79
CA VAL C 291 -24.42 -13.40 -27.04
C VAL C 291 -24.23 -12.57 -25.80
N ALA C 292 -25.34 -12.14 -25.18
CA ALA C 292 -25.24 -11.38 -23.94
C ALA C 292 -24.45 -12.17 -22.91
N ILE C 293 -24.84 -13.44 -22.70
CA ILE C 293 -24.16 -14.27 -21.71
C ILE C 293 -22.67 -14.31 -21.99
N LEU C 294 -22.30 -14.33 -23.27
CA LEU C 294 -20.88 -14.26 -23.61
C LEU C 294 -20.36 -12.85 -23.37
N PHE C 295 -20.96 -11.87 -24.03
CA PHE C 295 -20.35 -10.55 -24.17
C PHE C 295 -20.03 -9.95 -22.82
N LEU C 296 -21.08 -9.66 -22.03
CA LEU C 296 -20.88 -9.14 -20.70
C LEU C 296 -19.89 -10.02 -19.93
N GLY C 297 -20.13 -11.32 -19.93
CA GLY C 297 -19.21 -12.22 -19.25
C GLY C 297 -17.79 -12.02 -19.70
N GLY C 298 -17.56 -12.07 -21.01
CA GLY C 298 -16.23 -11.85 -21.51
C GLY C 298 -15.69 -10.49 -21.08
N VAL C 299 -16.52 -9.46 -21.24
CA VAL C 299 -16.09 -8.13 -20.83
C VAL C 299 -15.75 -8.14 -19.34
N GLN C 300 -16.62 -8.76 -18.54
CA GLN C 300 -16.35 -8.83 -17.10
C GLN C 300 -14.99 -9.47 -16.86
N LEU C 301 -14.72 -10.57 -17.56
CA LEU C 301 -13.45 -11.26 -17.36
C LEU C 301 -12.29 -10.33 -17.67
N ILE C 302 -12.39 -9.59 -18.79
CA ILE C 302 -11.34 -8.64 -19.11
C ILE C 302 -11.12 -7.68 -17.96
N SER C 303 -12.22 -7.12 -17.44
CA SER C 303 -12.11 -6.23 -16.29
C SER C 303 -11.35 -6.91 -15.17
N LEU C 304 -11.78 -8.11 -14.80
CA LEU C 304 -11.11 -8.84 -13.73
C LEU C 304 -9.63 -8.98 -14.05
N GLY C 305 -9.32 -9.40 -15.28
CA GLY C 305 -7.92 -9.54 -15.66
C GLY C 305 -7.15 -8.27 -15.42
N VAL C 306 -7.68 -7.15 -15.93
CA VAL C 306 -7.00 -5.88 -15.74
C VAL C 306 -6.80 -5.62 -14.25
N ILE C 307 -7.88 -5.76 -13.47
CA ILE C 307 -7.79 -5.55 -12.03
C ILE C 307 -6.71 -6.45 -11.46
N GLY C 308 -6.74 -7.72 -11.82
CA GLY C 308 -5.76 -8.65 -11.29
C GLY C 308 -4.35 -8.17 -11.57
N GLU C 309 -4.10 -7.76 -12.83
CA GLU C 309 -2.79 -7.27 -13.18
C GLU C 309 -2.37 -6.14 -12.25
N TYR C 310 -3.24 -5.13 -12.14
CA TYR C 310 -2.90 -3.99 -11.28
C TYR C 310 -2.76 -4.44 -9.84
N LEU C 311 -3.63 -5.35 -9.39
CA LEU C 311 -3.50 -5.85 -8.03
C LEU C 311 -2.13 -6.45 -7.82
N GLY C 312 -1.68 -7.28 -8.77
CA GLY C 312 -0.35 -7.84 -8.66
C GLY C 312 0.70 -6.76 -8.52
N ARG C 313 0.61 -5.73 -9.37
CA ARG C 313 1.56 -4.60 -9.29
C ARG C 313 1.49 -4.00 -7.87
N VAL C 314 0.29 -3.73 -7.36
CA VAL C 314 0.18 -3.15 -6.03
C VAL C 314 0.84 -4.07 -5.01
N TYR C 315 0.65 -5.38 -5.18
CA TYR C 315 1.30 -6.35 -4.30
C TYR C 315 2.80 -6.15 -4.31
N GLU C 316 3.40 -6.20 -5.49
CA GLU C 316 4.87 -5.96 -5.60
C GLU C 316 5.23 -4.65 -4.91
N GLU C 317 4.38 -3.62 -5.02
CA GLU C 317 4.72 -2.34 -4.42
C GLU C 317 4.64 -2.37 -2.90
N VAL C 318 3.70 -3.14 -2.34
CA VAL C 318 3.50 -3.09 -0.89
C VAL C 318 4.44 -4.02 -0.14
N LYS C 319 4.98 -5.04 -0.80
CA LYS C 319 5.98 -5.88 -0.16
C LYS C 319 7.28 -5.11 0.07
N ALA C 320 7.56 -4.12 -0.78
CA ALA C 320 8.72 -3.24 -0.62
C ALA C 320 10.03 -4.02 -0.58
N ARG C 321 10.12 -5.03 -1.43
CA ARG C 321 11.36 -5.79 -1.53
C ARG C 321 12.45 -4.90 -2.14
N PRO C 322 13.71 -5.05 -1.70
CA PRO C 322 14.79 -4.33 -2.37
C PRO C 322 14.94 -4.81 -3.80
N LEU C 323 15.34 -3.89 -4.69
CA LEU C 323 15.54 -4.26 -6.08
C LEU C 323 16.67 -5.26 -6.24
N TYR C 324 17.74 -5.08 -5.47
CA TYR C 324 18.93 -5.90 -5.60
C TYR C 324 19.52 -6.16 -4.23
N LEU C 325 20.38 -7.19 -4.17
CA LEU C 325 21.19 -7.46 -2.99
C LEU C 325 22.64 -7.56 -3.44
N VAL C 326 23.54 -6.96 -2.67
CA VAL C 326 24.96 -6.90 -3.00
C VAL C 326 25.70 -7.89 -2.11
N SER C 327 26.46 -8.79 -2.73
CA SER C 327 27.26 -9.75 -1.98
C SER C 327 28.56 -9.11 -1.50
N ASP C 328 29.39 -8.68 -2.44
CA ASP C 328 30.69 -8.08 -2.11
C ASP C 328 30.90 -6.84 -2.95
N LEU C 329 31.71 -5.92 -2.42
CA LEU C 329 32.05 -4.68 -3.09
C LEU C 329 33.56 -4.54 -3.14
N TRP C 330 34.06 -4.06 -4.28
CA TRP C 330 35.49 -3.81 -4.48
C TRP C 330 35.65 -2.37 -4.94
N GLY C 331 36.28 -1.55 -4.10
CA GLY C 331 36.47 -0.15 -4.41
C GLY C 331 35.35 0.76 -3.99
N LEU C 332 34.27 0.23 -3.43
CA LEU C 332 33.14 1.04 -2.99
C LEU C 332 32.72 0.61 -1.58
N GLU C 333 32.39 1.59 -0.75
CA GLU C 333 31.82 1.30 0.55
C GLU C 333 30.33 1.03 0.41
N TYR C 334 29.79 0.26 1.36
CA TYR C 334 28.39 -0.12 1.30
C TYR C 334 27.49 1.09 1.51
N LEU C 335 26.39 1.14 0.76
CA LEU C 335 25.42 2.20 0.92
C LEU C 335 24.68 2.05 2.26
N PRO C 336 24.28 3.17 2.86
CA PRO C 336 23.54 3.12 4.13
C PRO C 336 22.07 2.74 3.92
N THR D 25 36.81 14.17 -6.42
CA THR D 25 35.46 14.11 -6.98
C THR D 25 35.47 13.46 -8.36
N ILE D 26 34.51 12.57 -8.58
CA ILE D 26 34.39 11.83 -9.85
C ILE D 26 33.43 12.59 -10.75
N GLU D 27 33.86 12.83 -12.00
CA GLU D 27 33.05 13.58 -12.94
C GLU D 27 32.14 12.69 -13.77
N LEU D 28 32.66 11.55 -14.24
CA LEU D 28 31.93 10.63 -15.08
C LEU D 28 31.91 9.25 -14.44
N SER D 29 30.78 8.56 -14.57
CA SER D 29 30.62 7.21 -14.02
C SER D 29 30.05 6.31 -15.11
N ILE D 30 30.90 5.44 -15.65
CA ILE D 30 30.48 4.49 -16.69
C ILE D 30 30.01 3.21 -16.01
N VAL D 31 28.74 2.90 -16.14
CA VAL D 31 28.12 1.77 -15.45
C VAL D 31 27.91 0.64 -16.45
N ILE D 32 28.53 -0.50 -16.20
CA ILE D 32 28.43 -1.65 -17.10
C ILE D 32 27.82 -2.84 -16.37
N PRO D 33 26.62 -3.29 -16.74
CA PRO D 33 26.10 -4.55 -16.20
C PRO D 33 26.74 -5.73 -16.92
N MET D 34 27.44 -6.57 -16.15
CA MET D 34 28.20 -7.69 -16.68
C MET D 34 27.48 -8.98 -16.35
N TYR D 35 27.36 -9.86 -17.33
CA TYR D 35 26.78 -11.19 -17.09
C TYR D 35 27.37 -12.14 -18.12
N ASN D 36 28.20 -13.08 -17.65
CA ASN D 36 28.91 -14.00 -18.54
C ASN D 36 29.71 -13.23 -19.58
N GLU D 37 30.35 -12.15 -19.14
CA GLU D 37 31.03 -11.22 -20.02
C GLU D 37 32.53 -11.48 -20.11
N GLU D 38 32.96 -12.72 -19.89
CA GLU D 38 34.33 -13.09 -20.21
C GLU D 38 34.49 -13.16 -21.72
N ASP D 39 35.76 -13.11 -22.16
CA ASP D 39 36.14 -12.92 -23.56
C ASP D 39 35.74 -11.55 -24.09
N ASN D 40 35.28 -10.66 -23.22
CA ASN D 40 34.96 -9.28 -23.60
C ASN D 40 35.59 -8.25 -22.69
N LEU D 41 36.16 -8.65 -21.54
CA LEU D 41 36.62 -7.69 -20.55
C LEU D 41 37.80 -6.87 -21.04
N GLU D 42 38.82 -7.55 -21.59
CA GLU D 42 40.02 -6.84 -22.03
C GLU D 42 39.69 -5.85 -23.15
N HIS D 43 38.92 -6.29 -24.14
CA HIS D 43 38.60 -5.42 -25.26
C HIS D 43 37.72 -4.25 -24.84
N LEU D 44 36.71 -4.51 -24.00
CA LEU D 44 35.82 -3.46 -23.54
C LEU D 44 36.59 -2.43 -22.72
N PHE D 45 37.45 -2.90 -21.81
CA PHE D 45 38.21 -1.96 -20.98
C PHE D 45 39.21 -1.19 -21.82
N ALA D 46 39.80 -1.82 -22.83
CA ALA D 46 40.72 -1.12 -23.71
C ALA D 46 40.00 0.01 -24.46
N ARG D 47 38.85 -0.29 -25.07
CA ARG D 47 38.11 0.76 -25.78
C ARG D 47 37.65 1.86 -24.84
N LEU D 48 37.16 1.49 -23.65
CA LEU D 48 36.68 2.50 -22.71
C LEU D 48 37.82 3.41 -22.25
N LEU D 49 38.98 2.84 -21.94
CA LEU D 49 40.11 3.66 -21.53
C LEU D 49 40.59 4.55 -22.67
N GLU D 50 40.63 4.01 -23.90
CA GLU D 50 41.03 4.82 -25.04
C GLU D 50 40.08 5.99 -25.25
N VAL D 51 38.78 5.77 -25.09
CA VAL D 51 37.81 6.85 -25.27
C VAL D 51 37.92 7.86 -24.14
N LEU D 52 38.08 7.39 -22.90
CA LEU D 52 38.02 8.28 -21.74
C LEU D 52 39.32 9.00 -21.45
N THR D 53 40.43 8.57 -22.05
CA THR D 53 41.70 9.26 -21.81
C THR D 53 41.70 10.71 -22.30
N PRO D 54 41.28 11.03 -23.53
CA PRO D 54 41.33 12.44 -23.97
C PRO D 54 40.39 13.36 -23.22
N LEU D 55 39.40 12.82 -22.48
CA LEU D 55 38.49 13.68 -21.73
C LEU D 55 39.22 14.48 -20.66
N LYS D 56 40.25 13.89 -20.04
CA LYS D 56 41.02 14.55 -18.98
C LYS D 56 40.14 14.94 -17.81
N ILE D 57 39.13 14.12 -17.52
CA ILE D 57 38.23 14.33 -16.39
C ILE D 57 38.26 13.09 -15.52
N THR D 58 38.24 13.29 -14.20
CA THR D 58 38.24 12.18 -13.26
C THR D 58 37.01 11.31 -13.47
N TYR D 59 37.22 10.06 -13.89
CA TYR D 59 36.14 9.14 -14.21
C TYR D 59 36.28 7.87 -13.39
N GLU D 60 35.17 7.15 -13.27
CA GLU D 60 35.14 5.85 -12.61
C GLU D 60 34.30 4.91 -13.45
N ILE D 61 34.63 3.62 -13.36
CA ILE D 61 33.97 2.58 -14.13
C ILE D 61 33.42 1.56 -13.15
N ILE D 62 32.11 1.48 -13.03
CA ILE D 62 31.45 0.58 -12.09
C ILE D 62 30.92 -0.61 -12.88
N CYS D 63 31.49 -1.77 -12.63
CA CYS D 63 31.09 -3.02 -13.26
C CYS D 63 30.21 -3.80 -12.29
N VAL D 64 28.97 -4.05 -12.69
CA VAL D 64 27.99 -4.70 -11.83
C VAL D 64 27.87 -6.14 -12.31
N ASN D 65 28.51 -7.06 -11.61
CA ASN D 65 28.44 -8.47 -11.96
C ASN D 65 27.08 -9.01 -11.52
N ASP D 66 26.30 -9.50 -12.48
CA ASP D 66 24.93 -9.92 -12.22
C ASP D 66 24.84 -11.43 -12.01
N GLY D 67 25.51 -11.89 -10.96
CA GLY D 67 25.43 -13.29 -10.58
C GLY D 67 25.83 -14.25 -11.68
N SER D 68 26.91 -13.95 -12.39
CA SER D 68 27.31 -14.77 -13.51
C SER D 68 27.90 -16.08 -13.05
N LYS D 69 27.47 -17.18 -13.69
CA LYS D 69 28.15 -18.46 -13.50
C LYS D 69 29.54 -18.42 -14.11
N ASP D 70 29.71 -17.68 -15.21
CA ASP D 70 30.97 -17.56 -15.91
C ASP D 70 32.00 -16.83 -15.05
N LYS D 71 33.27 -16.96 -15.44
CA LYS D 71 34.42 -16.49 -14.66
C LYS D 71 34.71 -15.00 -14.83
N THR D 72 33.73 -14.20 -15.24
CA THR D 72 33.99 -12.77 -15.41
C THR D 72 34.34 -12.08 -14.11
N LEU D 73 33.92 -12.63 -12.97
CA LEU D 73 34.22 -11.99 -11.69
C LEU D 73 35.72 -12.03 -11.39
N LYS D 74 36.38 -13.14 -11.70
CA LYS D 74 37.82 -13.24 -11.43
C LYS D 74 38.60 -12.25 -12.27
N GLN D 75 38.26 -12.13 -13.55
CA GLN D 75 38.94 -11.14 -14.39
C GLN D 75 38.59 -9.72 -14.00
N LEU D 76 37.38 -9.49 -13.52
CA LEU D 76 37.04 -8.19 -12.95
C LEU D 76 37.93 -7.88 -11.75
N ILE D 77 38.15 -8.86 -10.89
CA ILE D 77 39.06 -8.69 -9.75
C ILE D 77 40.45 -8.36 -10.23
N ASP D 78 40.93 -9.07 -11.26
CA ASP D 78 42.27 -8.81 -11.78
C ASP D 78 42.38 -7.39 -12.32
N CYS D 79 41.38 -6.93 -13.06
CA CYS D 79 41.42 -5.57 -13.61
C CYS D 79 41.34 -4.53 -12.50
N TYR D 80 40.50 -4.78 -11.47
CA TYR D 80 40.41 -3.84 -10.35
C TYR D 80 41.72 -3.80 -9.57
N GLN D 81 42.44 -4.91 -9.51
CA GLN D 81 43.77 -4.89 -8.90
C GLN D 81 44.78 -4.17 -9.79
N SER D 82 44.58 -4.19 -11.10
CA SER D 82 45.47 -3.50 -12.03
C SER D 82 45.10 -2.04 -12.21
N ASN D 83 43.84 -1.76 -12.54
CA ASN D 83 43.38 -0.41 -12.80
C ASN D 83 42.58 0.10 -11.61
N ARG D 84 42.94 1.30 -11.13
CA ARG D 84 42.30 1.86 -9.94
C ARG D 84 40.99 2.57 -10.24
N GLN D 85 40.60 2.67 -11.51
CA GLN D 85 39.32 3.26 -11.88
C GLN D 85 38.19 2.24 -11.92
N ILE D 86 38.51 0.95 -11.74
CA ILE D 86 37.51 -0.11 -11.81
C ILE D 86 36.97 -0.35 -10.40
N LYS D 87 35.65 -0.26 -10.25
CA LYS D 87 34.96 -0.60 -9.01
C LYS D 87 33.89 -1.62 -9.34
N ILE D 88 33.86 -2.72 -8.58
CA ILE D 88 32.98 -3.85 -8.88
C ILE D 88 31.88 -3.91 -7.83
N VAL D 89 30.64 -4.04 -8.31
CA VAL D 89 29.49 -4.32 -7.47
C VAL D 89 29.04 -5.74 -7.79
N ASN D 90 29.15 -6.63 -6.81
CA ASN D 90 28.79 -8.03 -7.00
C ASN D 90 27.39 -8.25 -6.43
N LEU D 91 26.45 -8.57 -7.31
CA LEU D 91 25.09 -8.83 -6.87
C LEU D 91 24.98 -10.25 -6.30
N SER D 92 23.98 -10.46 -5.46
CA SER D 92 23.81 -11.75 -4.80
C SER D 92 23.53 -12.86 -5.80
N ARG D 93 22.71 -12.56 -6.81
CA ARG D 93 22.37 -13.52 -7.85
C ARG D 93 22.17 -12.76 -9.15
N ASN D 94 21.54 -13.41 -10.12
CA ASN D 94 21.21 -12.79 -11.40
C ASN D 94 19.87 -12.08 -11.24
N PHE D 95 19.90 -10.75 -11.26
CA PHE D 95 18.69 -9.95 -11.09
C PHE D 95 18.14 -9.42 -12.42
N GLY D 96 18.93 -9.42 -13.48
CA GLY D 96 18.53 -8.84 -14.74
C GLY D 96 19.30 -7.57 -15.04
N LYS D 97 19.31 -7.22 -16.33
CA LYS D 97 20.06 -6.05 -16.77
C LYS D 97 19.51 -4.76 -16.15
N GLU D 98 18.19 -4.66 -16.06
CA GLU D 98 17.57 -3.45 -15.50
C GLU D 98 17.98 -3.23 -14.05
N ILE D 99 17.87 -4.27 -13.23
CA ILE D 99 18.19 -4.14 -11.81
C ILE D 99 19.69 -3.97 -11.60
N ALA D 100 20.51 -4.66 -12.41
CA ALA D 100 21.95 -4.47 -12.31
C ALA D 100 22.34 -3.05 -12.66
N LEU D 101 21.73 -2.48 -13.69
CA LEU D 101 21.95 -1.07 -14.03
C LEU D 101 21.51 -0.16 -12.89
N SER D 102 20.39 -0.51 -12.25
CA SER D 102 19.87 0.33 -11.14
C SER D 102 20.86 0.29 -9.97
N ALA D 103 21.43 -0.88 -9.67
CA ALA D 103 22.41 -0.98 -8.61
C ALA D 103 23.68 -0.21 -8.95
N GLY D 104 24.15 -0.32 -10.19
CA GLY D 104 25.34 0.42 -10.59
C GLY D 104 25.15 1.91 -10.52
N ILE D 105 23.97 2.39 -10.91
CA ILE D 105 23.67 3.82 -10.83
C ILE D 105 23.57 4.26 -9.38
N ASP D 106 22.99 3.39 -8.52
CA ASP D 106 22.90 3.73 -7.10
C ASP D 106 24.28 3.81 -6.46
N TYR D 107 25.23 3.01 -6.93
CA TYR D 107 26.60 3.07 -6.41
C TYR D 107 27.47 4.08 -7.15
N ALA D 108 27.00 4.66 -8.25
CA ALA D 108 27.78 5.65 -8.98
C ALA D 108 27.80 6.98 -8.22
N GLN D 109 28.95 7.64 -8.24
CA GLN D 109 29.11 8.91 -7.56
C GLN D 109 29.54 10.04 -8.47
N GLY D 110 29.62 9.81 -9.79
CA GLY D 110 30.02 10.85 -10.69
C GLY D 110 28.90 11.86 -10.95
N ASN D 111 29.29 13.01 -11.49
CA ASN D 111 28.32 14.05 -11.81
C ASN D 111 27.42 13.62 -12.97
N ALA D 112 27.97 12.88 -13.93
CA ALA D 112 27.21 12.35 -15.05
C ALA D 112 27.42 10.84 -15.10
N VAL D 113 26.31 10.10 -15.22
CA VAL D 113 26.34 8.64 -15.23
C VAL D 113 25.96 8.16 -16.63
N ILE D 114 26.80 7.31 -17.20
CA ILE D 114 26.60 6.74 -18.52
C ILE D 114 26.48 5.23 -18.38
N PRO D 115 25.28 4.69 -18.46
CA PRO D 115 25.15 3.24 -18.65
C PRO D 115 25.68 2.83 -20.00
N ILE D 116 26.26 1.63 -20.06
CA ILE D 116 26.82 1.11 -21.31
C ILE D 116 26.82 -0.41 -21.23
N ASP D 117 26.84 -1.05 -22.40
CA ASP D 117 26.84 -2.50 -22.49
C ASP D 117 28.26 -3.03 -22.63
N ALA D 118 28.51 -4.21 -22.07
CA ALA D 118 29.83 -4.82 -22.14
C ALA D 118 30.14 -5.38 -23.51
N ASP D 119 29.11 -5.74 -24.29
CA ASP D 119 29.31 -6.28 -25.62
C ASP D 119 29.84 -5.25 -26.60
N LEU D 120 29.87 -3.98 -26.23
CA LEU D 120 30.38 -2.90 -27.07
C LEU D 120 29.56 -2.73 -28.34
N GLN D 121 28.29 -3.16 -28.31
CA GLN D 121 27.37 -2.82 -29.39
C GLN D 121 27.18 -1.31 -29.48
N ASP D 122 27.01 -0.66 -28.34
CA ASP D 122 26.95 0.79 -28.31
C ASP D 122 28.37 1.36 -28.37
N PRO D 123 28.72 2.13 -29.39
CA PRO D 123 30.10 2.60 -29.53
C PRO D 123 30.50 3.51 -28.38
N PRO D 124 31.54 3.13 -27.63
CA PRO D 124 31.96 3.99 -26.51
C PRO D 124 32.46 5.36 -26.96
N GLU D 125 32.90 5.50 -28.21
CA GLU D 125 33.33 6.80 -28.69
C GLU D 125 32.21 7.82 -28.65
N LEU D 126 30.96 7.35 -28.78
CA LEU D 126 29.81 8.24 -28.67
C LEU D 126 29.76 8.94 -27.33
N ILE D 127 30.41 8.36 -26.31
CA ILE D 127 30.51 9.01 -25.01
C ILE D 127 31.03 10.43 -25.18
N HIS D 128 32.05 10.60 -26.03
CA HIS D 128 32.52 11.93 -26.41
C HIS D 128 31.35 12.86 -26.68
N GLU D 129 30.56 12.53 -27.72
CA GLU D 129 29.42 13.37 -28.06
C GLU D 129 28.51 13.55 -26.87
N LEU D 130 28.24 12.46 -26.13
CA LEU D 130 27.36 12.55 -24.98
C LEU D 130 27.86 13.61 -24.02
N VAL D 131 29.13 13.54 -23.62
CA VAL D 131 29.59 14.50 -22.63
C VAL D 131 29.56 15.90 -23.22
N ASP D 132 29.82 16.01 -24.53
CA ASP D 132 29.72 17.32 -25.17
C ASP D 132 28.33 17.89 -25.02
N LYS D 133 27.30 17.06 -25.27
CA LYS D 133 25.94 17.51 -25.07
C LYS D 133 25.70 17.85 -23.60
N TRP D 134 26.28 17.06 -22.69
CA TRP D 134 26.14 17.37 -21.28
C TRP D 134 26.76 18.70 -20.93
N ARG D 135 27.76 19.14 -21.70
CA ARG D 135 28.37 20.44 -21.45
C ARG D 135 27.51 21.59 -21.97
N GLU D 136 26.56 21.31 -22.87
CA GLU D 136 25.67 22.35 -23.35
C GLU D 136 24.58 22.68 -22.36
N GLY D 137 24.35 21.83 -21.37
CA GLY D 137 23.35 22.10 -20.35
C GLY D 137 22.15 21.17 -20.40
N TYR D 138 22.33 19.99 -20.98
CA TYR D 138 21.26 19.01 -21.09
C TYR D 138 21.39 17.98 -19.97
N ASP D 139 20.34 17.85 -19.16
CA ASP D 139 20.41 16.98 -17.99
C ASP D 139 20.39 15.51 -18.39
N ILE D 140 19.59 15.15 -19.39
CA ILE D 140 19.55 13.79 -19.92
C ILE D 140 19.92 13.85 -21.40
N VAL D 141 20.86 13.01 -21.80
CA VAL D 141 21.28 12.92 -23.20
C VAL D 141 21.12 11.46 -23.61
N TYR D 142 20.03 11.14 -24.29
CA TYR D 142 19.83 9.80 -24.80
C TYR D 142 20.77 9.54 -25.98
N ALA D 143 21.03 8.27 -26.23
CA ALA D 143 21.79 7.83 -27.41
C ALA D 143 20.85 6.95 -28.22
N THR D 144 20.38 7.46 -29.35
CA THR D 144 19.38 6.78 -30.15
C THR D 144 19.97 6.34 -31.48
N ARG D 145 19.49 5.13 -31.92
CA ARG D 145 19.99 4.54 -33.20
C ARG D 145 19.53 5.40 -34.38
N ARG D 146 20.51 5.78 -35.27
CA ARG D 146 20.14 6.58 -36.43
C ARG D 146 19.04 5.89 -37.23
N SER D 147 19.19 4.59 -37.45
CA SER D 147 18.16 3.76 -38.05
C SER D 147 18.47 2.31 -37.73
N ARG D 148 17.48 1.45 -37.93
CA ARG D 148 17.66 0.02 -37.77
C ARG D 148 17.90 -0.69 -39.10
N GLN D 149 18.24 0.05 -40.15
CA GLN D 149 18.53 -0.50 -41.46
C GLN D 149 17.35 -1.26 -42.03
N GLY D 150 17.60 -2.17 -42.97
CA GLY D 150 16.55 -3.00 -43.51
C GLY D 150 16.17 -4.13 -42.57
N GLU D 151 15.69 -3.77 -41.39
CA GLU D 151 15.35 -4.76 -40.37
C GLU D 151 14.02 -5.43 -40.69
N THR D 152 13.64 -6.39 -39.85
CA THR D 152 12.39 -7.10 -40.04
C THR D 152 11.21 -6.13 -39.93
N TRP D 153 10.28 -6.24 -40.89
CA TRP D 153 9.14 -5.34 -40.90
C TRP D 153 8.23 -5.54 -39.69
N VAL D 154 8.18 -6.77 -39.17
CA VAL D 154 7.35 -7.02 -37.99
C VAL D 154 7.84 -6.20 -36.80
N LYS D 155 9.16 -6.15 -36.60
CA LYS D 155 9.71 -5.27 -35.57
C LYS D 155 9.49 -3.80 -35.93
N GLN D 156 9.71 -3.44 -37.19
CA GLN D 156 9.53 -2.05 -37.61
C GLN D 156 8.12 -1.55 -37.31
N PHE D 157 7.14 -2.43 -37.35
CA PHE D 157 5.76 -2.05 -37.05
C PHE D 157 5.46 -2.12 -35.56
N THR D 158 5.84 -3.23 -34.90
CA THR D 158 5.49 -3.42 -33.51
C THR D 158 6.20 -2.41 -32.60
N ALA D 159 7.50 -2.19 -32.82
CA ALA D 159 8.23 -1.21 -32.01
C ALA D 159 7.67 0.18 -32.22
N LYS D 160 7.34 0.53 -33.47
CA LYS D 160 6.74 1.83 -33.74
C LYS D 160 5.42 2.00 -33.02
N MET D 161 4.56 0.98 -33.07
CA MET D 161 3.26 1.08 -32.41
C MET D 161 3.40 1.16 -30.90
N PHE D 162 4.31 0.38 -30.33
CA PHE D 162 4.55 0.43 -28.88
C PHE D 162 5.09 1.80 -28.47
N TYR D 163 6.00 2.36 -29.26
CA TYR D 163 6.52 3.69 -28.98
C TYR D 163 5.43 4.74 -29.05
N LYS D 164 4.54 4.64 -30.04
CA LYS D 164 3.45 5.59 -30.14
C LYS D 164 2.49 5.48 -28.96
N VAL D 165 2.21 4.25 -28.52
CA VAL D 165 1.34 4.05 -27.36
C VAL D 165 1.98 4.65 -26.11
N ILE D 166 3.28 4.42 -25.91
CA ILE D 166 3.96 4.98 -24.76
C ILE D 166 4.00 6.51 -24.84
N GLY D 167 4.23 7.05 -26.03
CA GLY D 167 4.25 8.49 -26.19
C GLY D 167 2.90 9.13 -25.89
N ARG D 168 1.81 8.43 -26.24
CA ARG D 168 0.50 8.90 -25.81
C ARG D 168 0.31 8.70 -24.32
N MET D 169 1.03 7.75 -23.72
CA MET D 169 0.92 7.52 -22.28
C MET D 169 1.58 8.63 -21.48
N THR D 170 2.66 9.20 -22.00
CA THR D 170 3.37 10.29 -21.34
C THR D 170 3.09 11.62 -22.03
N GLU D 171 3.55 12.70 -21.41
CA GLU D 171 3.41 14.04 -21.96
C GLU D 171 4.76 14.69 -22.22
N ILE D 172 5.79 13.89 -22.41
CA ILE D 172 7.15 14.41 -22.58
C ILE D 172 7.78 13.95 -23.90
N LYS D 173 7.25 12.92 -24.55
CA LYS D 173 7.68 12.48 -25.88
C LYS D 173 9.15 12.06 -25.87
N ILE D 174 9.41 10.97 -25.14
CA ILE D 174 10.74 10.37 -25.12
C ILE D 174 11.14 9.96 -26.54
N PRO D 175 12.39 10.16 -26.96
CA PRO D 175 12.76 9.80 -28.34
C PRO D 175 12.62 8.32 -28.56
N PRO D 176 12.34 7.90 -29.79
CA PRO D 176 12.27 6.49 -30.12
C PRO D 176 13.66 5.94 -30.45
N ASN D 177 13.72 4.62 -30.64
CA ASN D 177 14.96 3.91 -30.94
C ASN D 177 16.03 4.18 -29.87
N THR D 178 15.59 4.22 -28.61
CA THR D 178 16.48 4.51 -27.49
C THR D 178 16.57 3.30 -26.57
N GLY D 179 17.79 2.97 -26.17
CA GLY D 179 18.02 1.89 -25.23
C GLY D 179 18.48 2.40 -23.89
N ASP D 180 19.37 1.66 -23.24
CA ASP D 180 19.90 2.07 -21.94
C ASP D 180 21.14 2.95 -22.06
N PHE D 181 21.67 3.15 -23.27
CA PHE D 181 22.84 3.99 -23.48
C PHE D 181 22.40 5.45 -23.35
N ARG D 182 22.68 6.06 -22.21
CA ARG D 182 22.29 7.44 -21.95
C ARG D 182 23.39 8.12 -21.15
N LEU D 183 23.25 9.42 -21.00
CA LEU D 183 23.97 10.19 -19.99
C LEU D 183 22.95 10.86 -19.09
N MET D 184 23.05 10.60 -17.79
CA MET D 184 22.19 11.21 -16.80
C MET D 184 23.01 12.15 -15.92
N ASP D 185 22.49 13.35 -15.71
CA ASP D 185 23.13 14.25 -14.78
C ASP D 185 22.91 13.78 -13.34
N ARG D 186 23.68 14.36 -12.42
CA ARG D 186 23.54 13.98 -11.02
C ARG D 186 22.15 14.35 -10.49
N LYS D 187 21.58 15.46 -10.96
CA LYS D 187 20.23 15.81 -10.55
C LYS D 187 19.22 14.78 -11.04
N VAL D 188 19.37 14.33 -12.28
CA VAL D 188 18.46 13.31 -12.82
C VAL D 188 18.63 11.99 -12.09
N VAL D 189 19.88 11.62 -11.79
CA VAL D 189 20.13 10.38 -11.05
C VAL D 189 19.52 10.45 -9.66
N ASN D 190 19.66 11.59 -8.99
CA ASN D 190 19.06 11.76 -7.67
C ASN D 190 17.54 11.71 -7.75
N ALA D 191 16.96 12.34 -8.78
CA ALA D 191 15.51 12.30 -8.95
C ALA D 191 15.02 10.88 -9.19
N ILE D 192 15.74 10.11 -9.98
CA ILE D 192 15.38 8.71 -10.22
C ILE D 192 15.50 7.91 -8.93
N LYS D 193 16.56 8.16 -8.15
CA LYS D 193 16.71 7.48 -6.87
C LYS D 193 15.64 7.88 -5.87
N GLN D 194 14.95 9.00 -6.11
CA GLN D 194 13.83 9.42 -5.27
C GLN D 194 12.56 8.66 -5.57
N LEU D 195 12.53 7.87 -6.65
CA LEU D 195 11.35 7.08 -6.98
C LEU D 195 11.49 5.72 -6.34
N PRO D 196 10.70 5.39 -5.32
CA PRO D 196 10.88 4.11 -4.61
C PRO D 196 10.12 2.97 -5.24
N GLU D 197 9.67 3.13 -6.48
CA GLU D 197 8.86 2.11 -7.13
C GLU D 197 9.60 0.79 -7.23
N ARG D 198 8.93 -0.29 -6.85
CA ARG D 198 9.43 -1.63 -7.09
C ARG D 198 8.98 -2.19 -8.42
N THR D 199 7.95 -1.59 -9.02
CA THR D 199 7.48 -1.91 -10.36
C THR D 199 7.88 -0.75 -11.25
N ARG D 200 8.92 -0.94 -12.06
CA ARG D 200 9.56 0.16 -12.76
C ARG D 200 9.47 -0.03 -14.27
N PHE D 201 9.10 1.05 -14.96
CA PHE D 201 9.22 1.16 -16.41
C PHE D 201 10.19 2.31 -16.65
N MET D 202 11.45 1.98 -16.94
CA MET D 202 12.50 2.99 -16.92
C MET D 202 12.32 4.04 -18.01
N LYS D 203 11.80 3.66 -19.18
CA LYS D 203 11.54 4.65 -20.22
C LYS D 203 10.52 5.68 -19.73
N GLY D 204 9.38 5.20 -19.23
CA GLY D 204 8.37 6.11 -18.72
C GLY D 204 8.83 6.87 -17.49
N LEU D 205 9.65 6.24 -16.65
CA LEU D 205 10.17 6.94 -15.47
C LEU D 205 11.12 8.07 -15.87
N PHE D 206 11.99 7.82 -16.86
CA PHE D 206 12.88 8.88 -17.33
C PHE D 206 12.09 9.99 -18.02
N ALA D 207 10.99 9.65 -18.70
CA ALA D 207 10.09 10.69 -19.19
C ALA D 207 9.49 11.47 -18.04
N TRP D 208 9.11 10.77 -16.96
CA TRP D 208 8.43 11.41 -15.84
C TRP D 208 9.31 12.45 -15.16
N VAL D 209 10.62 12.18 -15.07
CA VAL D 209 11.54 13.15 -14.51
C VAL D 209 11.94 14.10 -15.64
N GLY D 210 11.09 15.09 -15.89
CA GLY D 210 11.21 15.87 -17.11
C GLY D 210 12.20 17.01 -17.05
N TYR D 211 13.48 16.69 -16.90
CA TYR D 211 14.52 17.70 -16.93
C TYR D 211 14.80 18.08 -18.39
N ARG D 212 15.89 18.79 -18.63
CA ARG D 212 16.27 19.17 -19.99
C ARG D 212 16.85 17.95 -20.71
N GLN D 213 16.07 17.37 -21.61
CA GLN D 213 16.45 16.13 -22.28
C GLN D 213 16.70 16.36 -23.76
N THR D 214 17.68 15.64 -24.29
CA THR D 214 18.03 15.69 -25.71
C THR D 214 18.48 14.30 -26.13
N PHE D 215 18.82 14.16 -27.41
CA PHE D 215 19.28 12.88 -27.94
C PHE D 215 20.42 13.08 -28.91
N VAL D 216 21.25 12.06 -29.05
CA VAL D 216 22.34 12.02 -30.00
C VAL D 216 22.15 10.80 -30.89
N LEU D 217 22.17 11.02 -32.21
CA LEU D 217 21.98 9.94 -33.16
C LEU D 217 23.31 9.22 -33.39
N PHE D 218 23.27 7.89 -33.32
CA PHE D 218 24.45 7.09 -33.61
C PHE D 218 24.07 5.90 -34.46
N ASP D 219 25.01 5.48 -35.32
CA ASP D 219 24.84 4.31 -36.16
C ASP D 219 25.65 3.16 -35.56
N ARG D 220 24.99 2.04 -35.33
CA ARG D 220 25.68 0.86 -34.86
C ARG D 220 26.51 0.24 -35.98
N GLU D 221 27.64 -0.36 -35.61
CA GLU D 221 28.52 -0.95 -36.59
C GLU D 221 27.88 -2.18 -37.23
N PRO D 222 28.21 -2.48 -38.49
CA PRO D 222 27.68 -3.68 -39.14
C PRO D 222 28.36 -4.97 -38.72
N TRP D 230 15.69 -12.59 -30.66
CA TRP D 230 14.86 -12.03 -29.59
C TRP D 230 14.07 -13.13 -28.91
N ASN D 231 13.87 -13.03 -27.60
CA ASN D 231 13.15 -14.06 -26.87
C ASN D 231 11.70 -14.17 -27.34
N TYR D 232 11.06 -13.03 -27.60
CA TYR D 232 9.65 -12.86 -27.91
C TYR D 232 8.76 -13.15 -26.71
N TRP D 233 9.33 -13.61 -25.59
CA TRP D 233 8.64 -13.68 -24.31
C TRP D 233 9.03 -12.51 -23.42
N LYS D 234 10.32 -12.19 -23.36
CA LYS D 234 10.75 -10.95 -22.73
C LYS D 234 10.18 -9.74 -23.46
N LEU D 235 10.08 -9.84 -24.79
CA LEU D 235 9.48 -8.76 -25.57
C LEU D 235 8.02 -8.55 -25.21
N TRP D 236 7.35 -9.58 -24.71
CA TRP D 236 5.98 -9.45 -24.25
C TRP D 236 5.89 -8.98 -22.80
N ASN D 237 6.74 -9.52 -21.93
CA ASN D 237 6.70 -9.12 -20.52
C ASN D 237 7.11 -7.66 -20.36
N PHE D 238 8.12 -7.21 -21.11
CA PHE D 238 8.51 -5.81 -21.06
C PHE D 238 7.41 -4.90 -21.58
N ALA D 239 6.72 -5.31 -22.65
CA ALA D 239 5.61 -4.53 -23.16
C ALA D 239 4.47 -4.45 -22.14
N LEU D 240 4.18 -5.57 -21.48
CA LEU D 240 3.15 -5.58 -20.45
C LEU D 240 3.54 -4.68 -19.29
N ASP D 241 4.82 -4.67 -18.93
CA ASP D 241 5.30 -3.76 -17.85
C ASP D 241 5.10 -2.32 -18.32
N GLY D 242 5.49 -2.01 -19.56
CA GLY D 242 5.33 -0.66 -20.05
C GLY D 242 3.87 -0.21 -20.03
N ILE D 243 2.96 -1.12 -20.36
CA ILE D 243 1.55 -0.79 -20.37
C ILE D 243 1.01 -0.62 -18.95
N PHE D 244 1.39 -1.52 -18.04
CA PHE D 244 0.74 -1.60 -16.73
C PHE D 244 1.60 -1.12 -15.56
N SER D 245 2.93 -1.21 -15.66
CA SER D 245 3.81 -0.89 -14.55
C SER D 245 4.20 0.58 -14.51
N PHE D 246 3.64 1.40 -15.38
CA PHE D 246 3.98 2.82 -15.42
C PHE D 246 2.79 3.71 -15.09
N SER D 247 1.66 3.56 -15.77
CA SER D 247 0.57 4.50 -15.66
C SER D 247 -0.75 3.77 -15.50
N LEU D 248 -1.80 4.53 -15.21
CA LEU D 248 -3.15 4.02 -15.07
C LEU D 248 -3.97 4.18 -16.34
N LEU D 249 -3.38 4.67 -17.42
CA LEU D 249 -4.13 4.95 -18.64
C LEU D 249 -4.85 3.72 -19.19
N PRO D 250 -4.23 2.54 -19.28
CA PRO D 250 -5.02 1.35 -19.65
C PRO D 250 -6.16 1.06 -18.68
N LEU D 251 -5.95 1.33 -17.39
CA LEU D 251 -6.99 1.13 -16.39
C LEU D 251 -8.01 2.26 -16.38
N LYS D 252 -7.72 3.38 -17.03
CA LYS D 252 -8.67 4.48 -17.11
C LYS D 252 -9.52 4.42 -18.38
N VAL D 253 -8.94 3.96 -19.49
CA VAL D 253 -9.77 3.72 -20.67
C VAL D 253 -10.73 2.57 -20.43
N TRP D 254 -10.31 1.57 -19.66
CA TRP D 254 -11.25 0.61 -19.10
C TRP D 254 -11.80 1.20 -17.79
N THR D 255 -12.90 0.60 -17.32
CA THR D 255 -13.75 1.17 -16.28
C THR D 255 -14.42 2.43 -16.83
N TYR D 256 -14.04 2.83 -18.03
CA TYR D 256 -14.73 3.80 -18.86
C TYR D 256 -15.50 3.12 -19.97
N LEU D 257 -14.83 2.28 -20.76
CA LEU D 257 -15.53 1.42 -21.71
C LEU D 257 -16.40 0.41 -20.99
N GLY D 258 -15.91 -0.13 -19.87
CA GLY D 258 -16.73 -1.04 -19.08
C GLY D 258 -17.96 -0.36 -18.53
N SER D 259 -17.81 0.88 -18.04
CA SER D 259 -18.96 1.63 -17.55
C SER D 259 -19.93 1.98 -18.68
N ILE D 260 -19.40 2.30 -19.86
CA ILE D 260 -20.25 2.60 -21.01
C ILE D 260 -21.06 1.36 -21.40
N ILE D 261 -20.40 0.20 -21.43
CA ILE D 261 -21.09 -1.04 -21.77
C ILE D 261 -22.13 -1.38 -20.71
N SER D 262 -21.80 -1.15 -19.44
CA SER D 262 -22.76 -1.41 -18.37
C SER D 262 -23.96 -0.49 -18.47
N LEU D 263 -23.74 0.78 -18.79
CA LEU D 263 -24.85 1.72 -18.93
C LEU D 263 -25.72 1.36 -20.12
N LEU D 264 -25.11 0.93 -21.23
CA LEU D 264 -25.89 0.47 -22.38
C LEU D 264 -26.69 -0.77 -22.01
N SER D 265 -26.09 -1.68 -21.26
CA SER D 265 -26.80 -2.88 -20.82
C SER D 265 -27.99 -2.54 -19.94
N LEU D 266 -27.80 -1.60 -19.00
CA LEU D 266 -28.89 -1.19 -18.13
C LEU D 266 -29.99 -0.49 -18.93
N ALA D 267 -29.61 0.35 -19.89
CA ALA D 267 -30.61 1.04 -20.70
C ALA D 267 -31.41 0.06 -21.55
N TYR D 268 -30.74 -0.94 -22.15
CA TYR D 268 -31.47 -1.90 -22.97
C TYR D 268 -32.29 -2.85 -22.11
N ALA D 269 -31.83 -3.17 -20.90
CA ALA D 269 -32.65 -3.96 -19.99
C ALA D 269 -33.90 -3.20 -19.58
N SER D 270 -33.76 -1.89 -19.33
CA SER D 270 -34.92 -1.06 -19.05
C SER D 270 -35.86 -1.02 -20.25
N PHE D 271 -35.30 -0.91 -21.46
CA PHE D 271 -36.12 -0.93 -22.66
C PHE D 271 -36.89 -2.24 -22.80
N LEU D 272 -36.24 -3.37 -22.50
CA LEU D 272 -36.92 -4.66 -22.57
C LEU D 272 -37.98 -4.78 -21.48
N ILE D 273 -37.69 -4.22 -20.31
CA ILE D 273 -38.71 -4.21 -19.21
C ILE D 273 -39.93 -3.45 -19.74
N LEU D 274 -39.70 -2.26 -20.31
CA LEU D 274 -40.81 -1.45 -20.85
C LEU D 274 -41.49 -2.19 -22.00
N LYS D 275 -40.67 -2.90 -22.83
CA LYS D 275 -41.23 -3.70 -23.96
C LYS D 275 -42.11 -4.82 -23.40
N THR D 276 -41.71 -5.47 -22.35
CA THR D 276 -42.59 -6.48 -21.73
C THR D 276 -43.79 -5.79 -21.11
N ILE D 277 -43.56 -4.66 -20.42
CA ILE D 277 -44.66 -3.91 -19.75
C ILE D 277 -45.66 -3.36 -20.77
N THR D 278 -45.17 -2.81 -21.89
CA THR D 278 -46.06 -2.21 -22.90
C THR D 278 -45.91 -3.02 -24.16
N LEU D 279 -47.02 -3.51 -24.74
CA LEU D 279 -47.04 -4.42 -25.92
C LEU D 279 -46.99 -5.85 -25.36
N GLY D 280 -46.76 -6.00 -24.04
CA GLY D 280 -46.88 -7.33 -23.43
C GLY D 280 -46.05 -8.35 -24.16
N VAL D 281 -44.81 -8.03 -24.55
CA VAL D 281 -44.12 -9.02 -25.41
C VAL D 281 -43.93 -10.30 -24.60
N ASP D 282 -44.39 -11.43 -25.12
CA ASP D 282 -44.18 -12.74 -24.46
C ASP D 282 -44.02 -13.84 -25.52
N VAL D 283 -43.68 -13.48 -26.76
CA VAL D 283 -43.67 -14.51 -27.84
C VAL D 283 -42.92 -15.78 -27.36
N PRO D 284 -41.61 -15.73 -27.06
CA PRO D 284 -40.87 -16.90 -26.58
C PRO D 284 -41.52 -17.36 -25.31
N GLY D 285 -41.92 -16.41 -24.47
CA GLY D 285 -42.61 -16.75 -23.22
C GLY D 285 -41.63 -16.83 -22.07
N TYR D 286 -40.45 -16.23 -22.21
CA TYR D 286 -39.56 -16.25 -21.06
C TYR D 286 -38.57 -15.09 -21.10
N ALA D 287 -39.03 -13.91 -21.53
CA ALA D 287 -38.14 -12.77 -21.70
C ALA D 287 -37.85 -12.08 -20.37
N SER D 288 -37.47 -12.87 -19.37
CA SER D 288 -36.92 -12.35 -18.13
C SER D 288 -35.50 -12.83 -17.89
N LEU D 289 -35.06 -13.87 -18.61
CA LEU D 289 -33.67 -14.28 -18.56
C LEU D 289 -32.76 -13.17 -19.06
N MET D 290 -33.13 -12.55 -20.18
CA MET D 290 -32.24 -11.55 -20.80
C MET D 290 -32.20 -10.28 -19.97
N VAL D 291 -33.34 -9.89 -19.39
CA VAL D 291 -33.36 -8.72 -18.50
C VAL D 291 -32.47 -8.96 -17.29
N ALA D 292 -32.58 -10.15 -16.68
CA ALA D 292 -31.74 -10.47 -15.54
C ALA D 292 -30.26 -10.49 -15.93
N ILE D 293 -29.94 -11.07 -17.09
CA ILE D 293 -28.57 -11.13 -17.54
C ILE D 293 -28.00 -9.72 -17.72
N LEU D 294 -28.73 -8.86 -18.43
CA LEU D 294 -28.25 -7.51 -18.67
C LEU D 294 -28.13 -6.72 -17.37
N PHE D 295 -29.13 -6.82 -16.49
CA PHE D 295 -29.09 -6.05 -15.25
C PHE D 295 -27.95 -6.49 -14.36
N LEU D 296 -27.80 -7.80 -14.16
CA LEU D 296 -26.73 -8.29 -13.29
C LEU D 296 -25.37 -8.01 -13.90
N GLY D 297 -25.21 -8.18 -15.22
CA GLY D 297 -23.96 -7.85 -15.86
C GLY D 297 -23.61 -6.38 -15.74
N GLY D 298 -24.59 -5.50 -15.92
CA GLY D 298 -24.35 -4.07 -15.77
C GLY D 298 -23.99 -3.68 -14.34
N VAL D 299 -24.69 -4.26 -13.36
CA VAL D 299 -24.40 -3.95 -11.97
C VAL D 299 -23.00 -4.44 -11.60
N GLN D 300 -22.66 -5.66 -11.99
CA GLN D 300 -21.32 -6.17 -11.72
C GLN D 300 -20.25 -5.38 -12.46
N LEU D 301 -20.58 -4.85 -13.65
CA LEU D 301 -19.61 -4.06 -14.39
C LEU D 301 -19.39 -2.70 -13.74
N ILE D 302 -20.46 -2.09 -13.21
CA ILE D 302 -20.29 -0.85 -12.46
C ILE D 302 -19.47 -1.10 -11.20
N SER D 303 -19.74 -2.22 -10.53
CA SER D 303 -18.96 -2.58 -9.34
C SER D 303 -17.49 -2.77 -9.70
N LEU D 304 -17.21 -3.44 -10.82
CA LEU D 304 -15.84 -3.62 -11.27
C LEU D 304 -15.20 -2.29 -11.62
N GLY D 305 -15.96 -1.37 -12.22
CA GLY D 305 -15.41 -0.07 -12.55
C GLY D 305 -15.05 0.75 -11.32
N VAL D 306 -15.92 0.74 -10.31
CA VAL D 306 -15.64 1.45 -9.07
C VAL D 306 -14.43 0.82 -8.37
N ILE D 307 -14.38 -0.51 -8.33
CA ILE D 307 -13.26 -1.20 -7.71
C ILE D 307 -11.97 -0.90 -8.45
N GLY D 308 -12.03 -0.84 -9.79
CA GLY D 308 -10.85 -0.51 -10.56
C GLY D 308 -10.38 0.92 -10.35
N GLU D 309 -11.32 1.86 -10.24
CA GLU D 309 -10.94 3.24 -9.95
C GLU D 309 -10.25 3.35 -8.60
N TYR D 310 -10.82 2.71 -7.58
CA TYR D 310 -10.19 2.78 -6.26
C TYR D 310 -8.87 2.02 -6.22
N LEU D 311 -8.75 0.93 -6.98
CA LEU D 311 -7.49 0.21 -7.06
C LEU D 311 -6.44 1.02 -7.79
N GLY D 312 -6.83 1.81 -8.79
CA GLY D 312 -5.89 2.71 -9.42
C GLY D 312 -5.41 3.80 -8.48
N ARG D 313 -6.33 4.32 -7.66
CA ARG D 313 -5.91 5.26 -6.62
C ARG D 313 -4.93 4.61 -5.65
N VAL D 314 -5.21 3.36 -5.26
CA VAL D 314 -4.30 2.64 -4.36
C VAL D 314 -2.95 2.43 -5.02
N TYR D 315 -2.93 2.09 -6.31
CA TYR D 315 -1.68 1.89 -7.03
C TYR D 315 -0.87 3.18 -7.10
N GLU D 316 -1.53 4.30 -7.42
CA GLU D 316 -0.85 5.58 -7.48
C GLU D 316 -0.30 5.96 -6.11
N GLU D 317 -1.03 5.64 -5.05
CA GLU D 317 -0.58 6.00 -3.71
C GLU D 317 0.54 5.11 -3.20
N VAL D 318 0.54 3.82 -3.56
CA VAL D 318 1.62 2.93 -3.13
C VAL D 318 2.88 3.11 -3.97
N LYS D 319 2.76 3.60 -5.21
CA LYS D 319 3.96 3.87 -5.99
C LYS D 319 4.82 4.94 -5.32
N ALA D 320 4.20 5.83 -4.54
CA ALA D 320 4.90 6.79 -3.70
C ALA D 320 5.85 7.68 -4.51
N ARG D 321 5.42 8.08 -5.69
CA ARG D 321 6.18 9.06 -6.45
C ARG D 321 6.11 10.42 -5.76
N PRO D 322 7.19 11.19 -5.79
CA PRO D 322 7.12 12.57 -5.28
C PRO D 322 6.14 13.39 -6.10
N LEU D 323 5.46 14.32 -5.43
CA LEU D 323 4.48 15.15 -6.12
C LEU D 323 5.14 15.98 -7.22
N TYR D 324 6.25 16.62 -6.90
CA TYR D 324 6.96 17.50 -7.81
C TYR D 324 8.43 17.12 -7.84
N LEU D 325 9.19 17.85 -8.64
CA LEU D 325 10.65 17.71 -8.66
C LEU D 325 11.24 19.09 -8.93
N VAL D 326 12.14 19.53 -8.05
CA VAL D 326 12.76 20.84 -8.18
C VAL D 326 14.06 20.68 -8.94
N SER D 327 14.16 21.35 -10.08
CA SER D 327 15.38 21.30 -10.88
C SER D 327 16.35 22.41 -10.51
N ASP D 328 15.85 23.55 -10.04
CA ASP D 328 16.70 24.66 -9.66
C ASP D 328 16.02 25.45 -8.55
N LEU D 329 16.84 26.17 -7.78
CA LEU D 329 16.36 27.01 -6.71
C LEU D 329 17.12 28.32 -6.71
N TRP D 330 16.43 29.41 -6.41
CA TRP D 330 17.05 30.73 -6.32
C TRP D 330 16.54 31.42 -5.07
N GLY D 331 17.41 31.61 -4.08
CA GLY D 331 17.03 32.20 -2.82
C GLY D 331 16.63 31.22 -1.75
N LEU D 332 16.54 29.93 -2.07
CA LEU D 332 16.14 28.91 -1.11
C LEU D 332 17.12 27.75 -1.15
N GLU D 333 17.30 27.10 -0.01
CA GLU D 333 18.11 25.90 0.09
C GLU D 333 17.24 24.66 -0.06
N TYR D 334 17.82 23.63 -0.66
CA TYR D 334 17.05 22.43 -0.97
C TYR D 334 16.55 21.76 0.30
N LEU D 335 15.29 21.34 0.27
CA LEU D 335 14.72 20.61 1.39
C LEU D 335 15.36 19.23 1.51
N PRO D 336 15.58 18.73 2.73
CA PRO D 336 16.19 17.41 2.94
C PRO D 336 15.28 16.27 2.49
#